data_5WPL
#
_entry.id   5WPL
#
_cell.length_a   40.861
_cell.length_b   234.507
_cell.length_c   48.143
_cell.angle_alpha   90.000
_cell.angle_beta   90.130
_cell.angle_gamma   90.000
#
_symmetry.space_group_name_H-M   'P 1 21 1'
#
loop_
_entity.id
_entity.type
_entity.pdbx_description
1 polymer 'GTPase HRas'
2 polymer 'Ras-binding peptide'
3 non-polymer 'PHOSPHOAMINOPHOSPHONIC ACID-GUANYLATE ESTER'
4 non-polymer 'MAGNESIUM ION'
5 non-polymer 'CALCIUM ION'
6 water water
#
loop_
_entity_poly.entity_id
_entity_poly.type
_entity_poly.pdbx_seq_one_letter_code
_entity_poly.pdbx_strand_id
1 'polypeptide(L)'
;MTEYKLVVVGAVGVGKSALTIQLIQNHFVDEYDPTIEDSYRKQVVIDGETCLLDILDTAGQEEYSAMRDQYMRTGEGFLC
VFAINNTKSFEDIHQYREQIKRVKDSDDVPMVLVGNKCDLPSRTVESRQAQDLARSYGIPYIETSAKTRQGVEDAFYTLV
REIRKH
;
A,D,G,J
2 'polypeptide(L)' GPRRPRCPGDDASIEDLHEYWARLWNYLYAVA B,C,E,F,H,I,K,L
#
loop_
_chem_comp.id
_chem_comp.type
_chem_comp.name
_chem_comp.formula
CA non-polymer 'CALCIUM ION' 'Ca 2'
GNP non-polymer 'PHOSPHOAMINOPHOSPHONIC ACID-GUANYLATE ESTER' 'C10 H17 N6 O13 P3'
MG non-polymer 'MAGNESIUM ION' 'Mg 2'
#
# COMPACT_ATOMS: atom_id res chain seq x y z
N THR A 2 4.32 -19.18 21.97
CA THR A 2 5.01 -17.87 22.12
C THR A 2 4.12 -16.72 21.64
N GLU A 3 4.27 -15.63 22.38
CA GLU A 3 3.43 -14.48 22.26
C GLU A 3 4.37 -13.48 21.60
N TYR A 4 3.87 -12.60 20.74
CA TYR A 4 4.68 -11.48 20.29
C TYR A 4 3.89 -10.19 20.40
N LYS A 5 4.51 -9.20 21.06
CA LYS A 5 3.96 -7.85 21.19
C LYS A 5 4.54 -7.00 20.06
N LEU A 6 3.67 -6.66 19.11
CA LEU A 6 4.03 -5.81 17.94
C LEU A 6 3.48 -4.42 18.09
N VAL A 7 4.29 -3.40 17.78
CA VAL A 7 3.86 -1.99 17.87
C VAL A 7 3.98 -1.32 16.52
N VAL A 8 2.89 -0.71 16.07
CA VAL A 8 2.86 -0.05 14.79
C VAL A 8 2.95 1.44 15.08
N VAL A 9 3.95 2.11 14.50
CA VAL A 9 4.13 3.55 14.65
C VAL A 9 4.28 4.24 13.31
N GLY A 10 4.08 5.55 13.35
CA GLY A 10 4.28 6.42 12.21
C GLY A 10 3.41 7.67 12.22
N ALA A 11 3.64 8.53 11.24
CA ALA A 11 3.02 9.86 11.19
C ALA A 11 1.52 9.72 10.96
N VAL A 12 0.82 10.83 11.21
CA VAL A 12 -0.64 10.90 11.07
C VAL A 12 -1.06 10.44 9.67
N GLY A 13 -2.09 9.60 9.61
CA GLY A 13 -2.75 9.16 8.37
C GLY A 13 -1.99 8.25 7.40
N VAL A 14 -0.85 7.73 7.85
CA VAL A 14 -0.04 6.86 6.99
C VAL A 14 -0.69 5.48 6.77
N GLY A 15 -1.65 5.13 7.62
CA GLY A 15 -2.40 3.87 7.49
C GLY A 15 -2.14 2.82 8.56
N LYS A 16 -1.72 3.25 9.74
CA LYS A 16 -1.47 2.31 10.85
C LYS A 16 -2.69 1.44 11.21
N SER A 17 -3.83 2.09 11.32
CA SER A 17 -5.07 1.38 11.72
C SER A 17 -5.53 0.50 10.56
N ALA A 18 -5.46 1.01 9.34
CA ALA A 18 -5.90 0.22 8.20
C ALA A 18 -5.07 -1.05 8.02
N LEU A 19 -3.77 -0.98 8.28
CA LEU A 19 -2.90 -2.14 8.23
C LEU A 19 -3.31 -3.15 9.27
N THR A 20 -3.52 -2.66 10.49
CA THR A 20 -3.90 -3.52 11.62
C THR A 20 -5.22 -4.19 11.33
N ILE A 21 -6.17 -3.40 10.87
CA ILE A 21 -7.49 -3.85 10.45
C ILE A 21 -7.43 -4.85 9.29
N GLN A 22 -6.50 -4.69 8.33
CA GLN A 22 -6.34 -5.73 7.29
C GLN A 22 -5.80 -7.02 7.83
N LEU A 23 -4.78 -6.93 8.69
CA LEU A 23 -4.19 -8.10 9.30
C LEU A 23 -5.20 -8.94 10.06
N ILE A 24 -5.95 -8.28 10.96
CA ILE A 24 -6.85 -8.96 11.88
C ILE A 24 -8.20 -9.34 11.25
N GLN A 25 -8.80 -8.42 10.47
CA GLN A 25 -10.18 -8.52 9.95
C GLN A 25 -10.38 -8.77 8.46
N ASN A 26 -9.30 -8.73 7.66
CA ASN A 26 -9.33 -8.97 6.21
C ASN A 26 -10.35 -8.15 5.41
N HIS A 27 -10.35 -6.85 5.62
CA HIS A 27 -11.12 -5.93 4.78
C HIS A 27 -10.57 -4.52 4.96
N PHE A 28 -10.87 -3.66 3.97
CA PHE A 28 -10.44 -2.25 3.92
C PHE A 28 -11.61 -1.27 4.01
N VAL A 29 -12.71 -1.52 3.29
CA VAL A 29 -13.91 -0.65 3.44
C VAL A 29 -14.43 -0.75 4.86
N ASP A 30 -14.95 0.36 5.38
CA ASP A 30 -15.60 0.34 6.68
C ASP A 30 -16.71 -0.70 6.72
N GLU A 31 -16.78 -1.41 7.83
CA GLU A 31 -17.91 -2.24 8.17
C GLU A 31 -18.61 -1.55 9.34
N TYR A 32 -19.90 -1.84 9.49
CA TYR A 32 -20.67 -1.38 10.66
C TYR A 32 -21.06 -2.59 11.50
N ASP A 33 -20.52 -2.69 12.70
CA ASP A 33 -20.99 -3.70 13.63
C ASP A 33 -20.76 -3.21 15.06
N PRO A 34 -21.83 -2.61 15.67
CA PRO A 34 -21.79 -2.19 17.08
C PRO A 34 -21.91 -3.33 18.11
N THR A 35 -22.22 -4.56 17.68
CA THR A 35 -22.20 -5.72 18.59
C THR A 35 -20.77 -6.02 19.09
N ILE A 36 -19.76 -5.88 18.23
CA ILE A 36 -18.41 -6.41 18.51
C ILE A 36 -17.35 -5.36 18.81
N GLU A 37 -16.48 -5.70 19.76
CA GLU A 37 -15.31 -4.89 20.04
C GLU A 37 -14.27 -5.30 19.04
N ASP A 38 -13.50 -4.34 18.57
CA ASP A 38 -12.50 -4.64 17.59
C ASP A 38 -11.28 -5.19 18.30
N SER A 39 -10.66 -6.15 17.62
CA SER A 39 -9.68 -7.07 18.17
C SER A 39 -8.29 -6.69 17.68
N TYR A 40 -7.29 -6.98 18.53
CA TYR A 40 -5.88 -6.62 18.34
C TYR A 40 -4.99 -7.84 18.58
N ARG A 41 -5.57 -9.03 18.43
CA ARG A 41 -4.93 -10.29 18.71
C ARG A 41 -5.22 -11.23 17.57
N LYS A 42 -4.21 -11.99 17.15
CA LYS A 42 -4.36 -12.93 16.04
C LYS A 42 -3.42 -14.11 16.20
N GLN A 43 -3.97 -15.31 15.97
CA GLN A 43 -3.22 -16.52 15.92
C GLN A 43 -2.80 -16.82 14.46
N VAL A 44 -1.51 -17.09 14.23
CA VAL A 44 -0.95 -17.30 12.89
C VAL A 44 0.21 -18.31 12.97
N VAL A 45 0.54 -18.93 11.84
CA VAL A 45 1.68 -19.80 11.75
C VAL A 45 2.67 -19.06 10.86
N ILE A 46 3.92 -18.93 11.31
CA ILE A 46 4.96 -18.28 10.55
C ILE A 46 6.18 -19.19 10.51
N ASP A 47 6.63 -19.54 9.31
CA ASP A 47 7.76 -20.47 9.13
C ASP A 47 7.55 -21.78 9.91
N GLY A 48 6.37 -22.38 9.80
CA GLY A 48 6.12 -23.64 10.51
C GLY A 48 6.05 -23.58 12.04
N GLU A 49 5.93 -22.37 12.63
CA GLU A 49 5.68 -22.24 14.09
C GLU A 49 4.56 -21.24 14.40
N THR A 50 3.60 -21.68 15.22
CA THR A 50 2.45 -20.89 15.60
C THR A 50 2.88 -19.74 16.47
N CYS A 51 2.21 -18.61 16.33
CA CYS A 51 2.29 -17.60 17.35
C CYS A 51 1.08 -16.73 17.51
N LEU A 52 1.01 -16.12 18.68
CA LEU A 52 -0.06 -15.22 19.02
C LEU A 52 0.53 -13.81 18.92
N LEU A 53 -0.15 -12.96 18.15
CA LEU A 53 0.27 -11.61 17.93
C LEU A 53 -0.70 -10.64 18.59
N ASP A 54 -0.17 -9.74 19.43
CA ASP A 54 -0.89 -8.57 19.96
C ASP A 54 -0.33 -7.31 19.27
N ILE A 55 -1.20 -6.50 18.73
CA ILE A 55 -0.81 -5.32 17.97
C ILE A 55 -1.22 -4.07 18.74
N LEU A 56 -0.23 -3.27 19.09
CA LEU A 56 -0.47 -1.89 19.57
C LEU A 56 -0.46 -0.97 18.37
N ASP A 57 -1.67 -0.47 18.06
CA ASP A 57 -1.90 0.41 16.93
C ASP A 57 -1.94 1.82 17.48
N THR A 58 -0.77 2.47 17.50
CA THR A 58 -0.63 3.77 18.16
C THR A 58 -1.34 4.89 17.41
N ALA A 59 -1.99 5.78 18.15
CA ALA A 59 -2.25 7.17 17.68
C ALA A 59 -1.07 7.78 16.89
N GLY A 60 -1.36 8.37 15.73
CA GLY A 60 -0.46 9.31 15.06
C GLY A 60 -0.11 10.56 15.87
N GLN A 61 -1.09 11.13 16.59
CA GLN A 61 -0.83 12.34 17.44
C GLN A 61 0.16 12.01 18.60
N GLU A 62 1.30 12.66 18.51
CA GLU A 62 2.45 12.40 19.36
C GLU A 62 2.42 13.32 20.59
N GLU A 63 2.92 12.87 21.73
CA GLU A 63 3.01 13.75 22.91
C GLU A 63 3.98 13.16 23.94
N TYR A 64 4.29 13.92 25.00
CA TYR A 64 4.98 13.33 26.12
C TYR A 64 3.95 12.52 26.98
N SER A 65 4.35 11.32 27.38
CA SER A 65 3.54 10.45 28.27
C SER A 65 4.37 9.29 28.79
N ALA A 66 4.65 9.27 30.11
CA ALA A 66 5.34 8.15 30.76
C ALA A 66 4.57 6.80 30.63
N MET A 67 3.25 6.85 30.69
CA MET A 67 2.40 5.68 30.49
C MET A 67 2.52 5.19 29.05
N ARG A 68 2.48 6.09 28.07
CA ARG A 68 2.69 5.67 26.66
C ARG A 68 4.04 5.05 26.47
N ASP A 69 5.08 5.62 27.06
CA ASP A 69 6.44 5.01 26.99
C ASP A 69 6.42 3.59 27.51
N GLN A 70 5.70 3.38 28.62
CA GLN A 70 5.56 2.04 29.21
C GLN A 70 4.79 1.07 28.29
N TYR A 71 3.73 1.56 27.64
CA TYR A 71 2.99 0.78 26.64
C TYR A 71 3.88 0.39 25.47
N MET A 72 4.68 1.32 24.99
CA MET A 72 5.66 1.00 23.92
C MET A 72 6.81 0.10 24.37
N ARG A 73 7.26 0.30 25.61
CA ARG A 73 8.34 -0.54 26.17
C ARG A 73 7.93 -2.04 26.19
N THR A 74 6.63 -2.31 26.31
CA THR A 74 6.10 -3.67 26.32
C THR A 74 6.26 -4.33 24.93
N GLY A 75 6.23 -3.52 23.87
CA GLY A 75 6.59 -4.00 22.53
C GLY A 75 7.95 -4.67 22.35
N GLU A 76 7.95 -5.76 21.59
CA GLU A 76 9.18 -6.52 21.22
C GLU A 76 9.70 -6.22 19.85
N GLY A 77 8.83 -5.72 18.98
CA GLY A 77 9.20 -5.35 17.64
C GLY A 77 8.24 -4.27 17.16
N PHE A 78 8.72 -3.46 16.21
CA PHE A 78 8.06 -2.20 15.80
C PHE A 78 7.99 -2.14 14.29
N LEU A 79 6.80 -1.87 13.77
CA LEU A 79 6.66 -1.48 12.39
C LEU A 79 6.72 0.01 12.37
N CYS A 80 7.65 0.55 11.60
CA CYS A 80 7.74 1.98 11.33
C CYS A 80 7.19 2.23 9.93
N VAL A 81 6.06 2.91 9.89
CA VAL A 81 5.23 3.02 8.74
C VAL A 81 5.30 4.45 8.27
N PHE A 82 5.52 4.61 6.96
CA PHE A 82 5.34 5.87 6.29
C PHE A 82 4.42 5.60 5.09
N ALA A 83 3.88 6.66 4.48
CA ALA A 83 3.01 6.44 3.33
C ALA A 83 3.76 6.95 2.14
N ILE A 84 3.70 6.19 1.05
CA ILE A 84 4.53 6.50 -0.14
C ILE A 84 4.18 7.81 -0.83
N ASN A 85 3.04 8.40 -0.45
CA ASN A 85 2.65 9.73 -0.96
C ASN A 85 2.88 10.90 0.02
N ASN A 86 3.75 10.69 1.03
CA ASN A 86 3.91 11.66 2.12
C ASN A 86 5.39 11.69 2.56
N THR A 87 6.14 12.52 1.84
CA THR A 87 7.55 12.70 2.04
C THR A 87 7.88 13.03 3.50
N LYS A 88 7.07 13.86 4.15
CA LYS A 88 7.28 14.18 5.55
C LYS A 88 7.18 12.90 6.43
N SER A 89 6.17 12.04 6.23
CA SER A 89 6.09 10.75 6.96
C SER A 89 7.36 9.92 6.80
N PHE A 90 7.96 9.95 5.63
CA PHE A 90 9.20 9.24 5.37
C PHE A 90 10.40 9.84 6.11
N GLU A 91 10.47 11.17 6.17
CA GLU A 91 11.56 11.88 6.85
C GLU A 91 11.43 11.69 8.37
N ASP A 92 10.19 11.59 8.86
CA ASP A 92 9.87 11.30 10.27
C ASP A 92 10.40 9.96 10.85
N ILE A 93 10.74 9.02 9.99
CA ILE A 93 11.10 7.64 10.40
C ILE A 93 12.34 7.60 11.30
N HIS A 94 13.31 8.42 10.96
CA HIS A 94 14.47 8.60 11.83
C HIS A 94 14.02 8.95 13.25
N GLN A 95 13.12 9.92 13.39
CA GLN A 95 12.60 10.32 14.71
C GLN A 95 11.90 9.20 15.44
N TYR A 96 11.11 8.42 14.69
CA TYR A 96 10.42 7.24 15.27
C TYR A 96 11.45 6.18 15.66
N ARG A 97 12.47 5.94 14.84
CA ARG A 97 13.55 5.01 15.26
C ARG A 97 14.26 5.47 16.56
N GLU A 98 14.59 6.76 16.66
CA GLU A 98 15.25 7.28 17.84
C GLU A 98 14.42 7.17 19.10
N GLN A 99 13.13 7.49 19.00
CA GLN A 99 12.14 7.32 20.06
C GLN A 99 12.00 5.86 20.58
N ILE A 100 12.07 4.89 19.67
CA ILE A 100 12.03 3.48 20.03
C ILE A 100 13.33 3.10 20.74
N LYS A 101 14.47 3.53 20.22
CA LYS A 101 15.73 3.30 20.89
C LYS A 101 15.73 3.88 22.32
N ARG A 102 15.18 5.09 22.47
CA ARG A 102 15.07 5.74 23.78
C ARG A 102 14.24 4.94 24.78
N VAL A 103 13.01 4.63 24.39
CA VAL A 103 12.07 3.89 25.20
C VAL A 103 12.62 2.52 25.53
N LYS A 104 13.24 1.85 24.58
CA LYS A 104 13.77 0.53 24.82
C LYS A 104 15.13 0.49 25.53
N ASP A 105 15.87 1.61 25.55
CA ASP A 105 17.24 1.70 26.10
C ASP A 105 18.17 0.69 25.44
N SER A 106 18.10 0.63 24.12
CA SER A 106 18.96 -0.24 23.37
C SER A 106 18.97 0.26 21.94
N ASP A 107 20.11 0.08 21.25
CA ASP A 107 20.28 0.31 19.79
C ASP A 107 19.80 -0.92 18.96
N ASP A 108 19.51 -2.04 19.60
CA ASP A 108 19.26 -3.37 18.95
C ASP A 108 17.81 -3.76 19.26
N VAL A 109 16.91 -3.26 18.44
CA VAL A 109 15.49 -3.41 18.67
C VAL A 109 14.93 -3.91 17.35
N PRO A 110 14.17 -5.01 17.39
CA PRO A 110 13.61 -5.56 16.16
C PRO A 110 12.63 -4.60 15.53
N MET A 111 12.77 -4.39 14.22
CA MET A 111 12.11 -3.29 13.50
C MET A 111 11.98 -3.61 12.02
N VAL A 112 10.93 -3.13 11.39
CA VAL A 112 10.73 -3.23 9.96
C VAL A 112 10.20 -1.90 9.45
N LEU A 113 10.68 -1.50 8.28
CA LEU A 113 10.25 -0.31 7.60
C LEU A 113 9.10 -0.66 6.66
N VAL A 114 7.99 0.04 6.79
CA VAL A 114 6.81 -0.20 5.93
C VAL A 114 6.42 1.06 5.18
N GLY A 115 6.44 0.97 3.84
CA GLY A 115 5.92 2.01 2.97
C GLY A 115 4.55 1.64 2.46
N ASN A 116 3.53 2.27 3.04
CA ASN A 116 2.14 1.93 2.80
C ASN A 116 1.54 2.79 1.68
N LYS A 117 0.29 2.47 1.31
CA LYS A 117 -0.47 3.14 0.27
C LYS A 117 0.15 2.99 -1.15
N CYS A 118 0.84 1.88 -1.39
CA CYS A 118 1.49 1.65 -2.69
C CYS A 118 0.53 1.46 -3.92
N ASP A 119 -0.76 1.27 -3.67
CA ASP A 119 -1.81 1.32 -4.70
C ASP A 119 -2.06 2.73 -5.24
N LEU A 120 -1.67 3.79 -4.51
CA LEU A 120 -1.99 5.18 -4.91
C LEU A 120 -1.32 5.67 -6.19
N PRO A 121 -2.00 6.56 -6.95
CA PRO A 121 -1.41 7.17 -8.14
C PRO A 121 -0.41 8.29 -7.84
N SER A 122 -0.37 8.72 -6.57
CA SER A 122 0.36 9.87 -6.13
C SER A 122 1.61 9.51 -5.34
N ARG A 123 2.45 8.62 -5.84
CA ARG A 123 3.76 8.38 -5.21
C ARG A 123 4.67 9.63 -5.16
N THR A 124 5.21 9.95 -3.98
CA THR A 124 6.28 10.95 -3.81
C THR A 124 7.57 10.41 -3.20
N VAL A 125 7.57 9.16 -2.72
CA VAL A 125 8.78 8.47 -2.21
C VAL A 125 8.97 7.16 -2.97
N GLU A 126 10.20 6.95 -3.44
CA GLU A 126 10.53 5.88 -4.38
C GLU A 126 11.06 4.68 -3.63
N SER A 127 10.77 3.48 -4.14
CA SER A 127 11.23 2.25 -3.49
C SER A 127 12.72 2.26 -3.13
N ARG A 128 13.56 2.56 -4.12
CA ARG A 128 15.03 2.61 -3.97
C ARG A 128 15.49 3.48 -2.78
N GLN A 129 14.91 4.65 -2.68
CA GLN A 129 15.12 5.56 -1.56
C GLN A 129 14.82 4.92 -0.18
N ALA A 130 13.70 4.18 -0.10
CA ALA A 130 13.28 3.50 1.14
C ALA A 130 14.15 2.28 1.43
N GLN A 131 14.49 1.52 0.38
CA GLN A 131 15.49 0.42 0.52
C GLN A 131 16.80 0.85 1.10
N ASP A 132 17.25 2.05 0.76
CA ASP A 132 18.55 2.57 1.23
C ASP A 132 18.51 3.01 2.67
N LEU A 133 17.42 3.64 3.07
CA LEU A 133 17.24 4.00 4.49
C LEU A 133 17.23 2.72 5.32
N ALA A 134 16.46 1.74 4.86
CA ALA A 134 16.33 0.47 5.57
C ALA A 134 17.69 -0.23 5.69
N ARG A 135 18.42 -0.35 4.57
CA ARG A 135 19.80 -0.88 4.56
C ARG A 135 20.71 -0.11 5.51
N SER A 136 20.58 1.22 5.51
CA SER A 136 21.30 2.04 6.46
C SER A 136 21.03 1.63 7.91
N TYR A 137 19.81 1.20 8.19
CA TYR A 137 19.46 0.78 9.52
C TYR A 137 19.70 -0.71 9.77
N GLY A 138 20.08 -1.49 8.76
CA GLY A 138 20.17 -2.95 8.89
C GLY A 138 18.83 -3.65 9.17
N ILE A 139 17.73 -3.07 8.68
CA ILE A 139 16.41 -3.67 8.89
C ILE A 139 15.71 -3.91 7.57
N PRO A 140 14.77 -4.85 7.56
CA PRO A 140 14.05 -5.12 6.32
C PRO A 140 13.10 -3.98 5.93
N TYR A 141 12.72 -3.98 4.65
CA TYR A 141 11.80 -3.02 4.10
C TYR A 141 10.73 -3.73 3.28
N ILE A 142 9.46 -3.39 3.53
CA ILE A 142 8.33 -4.00 2.86
C ILE A 142 7.39 -2.93 2.36
N GLU A 143 6.96 -3.01 1.11
CA GLU A 143 5.91 -2.10 0.71
C GLU A 143 4.53 -2.73 0.72
N THR A 144 3.56 -1.95 1.18
CA THR A 144 2.24 -2.46 1.42
C THR A 144 1.14 -1.56 0.86
N SER A 145 -0.06 -2.12 0.74
CA SER A 145 -1.31 -1.39 0.54
C SER A 145 -2.36 -2.04 1.42
N ALA A 146 -2.79 -1.32 2.42
CA ALA A 146 -3.96 -1.76 3.19
C ALA A 146 -5.20 -1.84 2.31
N LYS A 147 -5.24 -1.13 1.17
CA LYS A 147 -6.41 -1.23 0.28
C LYS A 147 -6.52 -2.60 -0.35
N THR A 148 -5.48 -3.04 -1.02
CA THR A 148 -5.47 -4.30 -1.77
C THR A 148 -5.00 -5.52 -0.93
N ARG A 149 -4.47 -5.24 0.26
CA ARG A 149 -3.86 -6.21 1.16
C ARG A 149 -2.43 -6.59 0.75
N GLN A 150 -1.91 -6.07 -0.35
CA GLN A 150 -0.56 -6.42 -0.75
C GLN A 150 0.45 -6.11 0.35
N GLY A 151 1.35 -7.06 0.58
CA GLY A 151 2.42 -6.92 1.60
C GLY A 151 2.01 -7.00 3.07
N VAL A 152 0.71 -7.07 3.37
CA VAL A 152 0.28 -6.81 4.76
C VAL A 152 0.74 -7.92 5.70
N GLU A 153 0.48 -9.17 5.30
CA GLU A 153 1.04 -10.36 5.99
C GLU A 153 2.52 -10.30 6.15
N ASP A 154 3.17 -10.06 5.02
CA ASP A 154 4.60 -10.06 4.95
C ASP A 154 5.19 -9.02 5.95
N ALA A 155 4.60 -7.84 6.04
CA ALA A 155 5.09 -6.81 6.97
C ALA A 155 5.14 -7.35 8.41
N PHE A 156 4.00 -7.78 8.94
CA PHE A 156 3.96 -8.30 10.31
C PHE A 156 4.76 -9.57 10.49
N TYR A 157 4.74 -10.46 9.49
CA TYR A 157 5.46 -11.75 9.62
C TYR A 157 6.94 -11.52 9.59
N THR A 158 7.38 -10.62 8.72
CA THR A 158 8.80 -10.28 8.65
C THR A 158 9.31 -9.65 9.98
N LEU A 159 8.47 -8.85 10.64
CA LEU A 159 8.80 -8.34 11.98
C LEU A 159 9.00 -9.45 12.99
N VAL A 160 8.05 -10.39 13.03
CA VAL A 160 8.17 -11.61 13.84
C VAL A 160 9.53 -12.31 13.60
N ARG A 161 9.89 -12.47 12.33
CA ARG A 161 11.18 -13.02 11.95
C ARG A 161 12.33 -12.23 12.56
N GLU A 162 12.22 -10.91 12.58
CA GLU A 162 13.25 -10.07 13.22
C GLU A 162 13.32 -10.30 14.73
N ILE A 163 12.17 -10.43 15.37
CA ILE A 163 12.17 -10.80 16.81
C ILE A 163 12.84 -12.16 17.04
N ARG A 164 12.52 -13.17 16.23
CA ARG A 164 13.13 -14.50 16.39
C ARG A 164 14.67 -14.56 16.31
N LYS A 165 15.26 -13.57 15.62
CA LYS A 165 16.73 -13.38 15.54
C LYS A 165 17.35 -12.54 16.69
N HIS A 166 16.53 -11.89 17.51
CA HIS A 166 16.96 -11.29 18.80
C HIS A 166 17.00 -12.41 19.89
N ARG B 4 -13.66 2.27 25.28
CA ARG B 4 -13.26 1.59 26.55
C ARG B 4 -13.76 0.13 26.57
N PRO B 5 -12.86 -0.87 26.68
CA PRO B 5 -13.30 -2.28 26.54
C PRO B 5 -14.00 -2.81 27.79
N ARG B 6 -15.08 -3.56 27.56
CA ARG B 6 -15.81 -4.20 28.64
C ARG B 6 -14.91 -5.19 29.39
N CYS B 7 -15.03 -5.14 30.72
CA CYS B 7 -14.37 -6.08 31.60
C CYS B 7 -14.65 -7.50 31.12
N PRO B 8 -13.69 -8.40 31.29
CA PRO B 8 -13.78 -9.71 30.67
C PRO B 8 -14.71 -10.70 31.34
N GLY B 9 -15.02 -10.54 32.62
CA GLY B 9 -15.85 -11.54 33.32
C GLY B 9 -15.09 -12.60 34.09
N ASP B 10 -15.80 -13.21 35.07
CA ASP B 10 -15.24 -14.21 35.99
C ASP B 10 -15.19 -15.60 35.40
N ASP B 11 -16.03 -15.88 34.42
CA ASP B 11 -15.90 -17.13 33.66
C ASP B 11 -14.73 -17.09 32.60
N ALA B 12 -13.93 -16.02 32.55
CA ALA B 12 -13.13 -15.72 31.35
C ALA B 12 -11.97 -16.68 31.29
N SER B 13 -11.74 -17.30 30.13
CA SER B 13 -10.54 -18.12 29.93
C SER B 13 -9.27 -17.27 29.91
N ILE B 14 -8.10 -17.89 30.09
CA ILE B 14 -6.83 -17.17 29.85
C ILE B 14 -6.79 -16.48 28.48
N GLU B 15 -7.27 -17.16 27.45
CA GLU B 15 -7.31 -16.56 26.11
C GLU B 15 -8.28 -15.38 26.08
N ASP B 16 -9.39 -15.45 26.81
CA ASP B 16 -10.32 -14.30 26.86
C ASP B 16 -9.61 -13.08 27.46
N LEU B 17 -8.79 -13.32 28.48
CA LEU B 17 -8.05 -12.26 29.14
C LEU B 17 -6.95 -11.66 28.27
N HIS B 18 -6.26 -12.47 27.48
CA HIS B 18 -5.28 -11.93 26.52
C HIS B 18 -5.90 -10.98 25.47
N GLU B 19 -7.09 -11.35 24.99
CA GLU B 19 -7.86 -10.61 24.03
C GLU B 19 -8.28 -9.26 24.62
N TYR B 20 -8.86 -9.32 25.82
CA TYR B 20 -9.15 -8.13 26.59
C TYR B 20 -7.88 -7.26 26.80
N TRP B 21 -6.78 -7.86 27.27
CA TRP B 21 -5.52 -7.14 27.51
C TRP B 21 -5.04 -6.37 26.29
N ALA B 22 -5.12 -6.97 25.12
CA ALA B 22 -4.58 -6.35 23.90
C ALA B 22 -5.42 -5.12 23.56
N ARG B 23 -6.73 -5.24 23.74
CA ARG B 23 -7.65 -4.11 23.69
C ARG B 23 -7.35 -3.03 24.72
N LEU B 24 -7.08 -3.39 25.96
CA LEU B 24 -6.82 -2.39 27.00
C LEU B 24 -5.56 -1.61 26.69
N TRP B 25 -4.54 -2.32 26.25
CA TRP B 25 -3.29 -1.75 25.74
C TRP B 25 -3.53 -0.63 24.73
N ASN B 26 -4.34 -0.88 23.72
CA ASN B 26 -4.66 0.13 22.69
C ASN B 26 -5.48 1.29 23.19
N TYR B 27 -6.47 1.00 24.03
CA TYR B 27 -7.27 1.99 24.69
C TYR B 27 -6.46 2.99 25.56
N LEU B 28 -5.66 2.47 26.49
CA LEU B 28 -4.85 3.32 27.37
C LEU B 28 -3.80 4.17 26.61
N TYR B 29 -3.23 3.62 25.54
CA TYR B 29 -2.37 4.38 24.71
C TYR B 29 -3.17 5.52 24.07
N ALA B 30 -4.32 5.19 23.49
CA ALA B 30 -5.09 6.15 22.71
C ALA B 30 -5.57 7.36 23.49
N VAL B 31 -5.82 7.22 24.79
CA VAL B 31 -6.50 8.29 25.57
C VAL B 31 -5.54 9.12 26.38
N ALA B 32 -4.25 8.83 26.32
CA ALA B 32 -3.25 9.68 26.95
C ALA B 32 -3.26 11.10 26.42
N PRO C 2 0.16 -16.89 42.12
CA PRO C 2 -0.25 -15.79 41.23
C PRO C 2 -1.76 -15.54 41.35
N ARG C 3 -2.19 -14.29 41.61
CA ARG C 3 -3.64 -13.98 41.78
C ARG C 3 -4.23 -13.27 40.53
N ARG C 4 -5.36 -13.75 40.04
CA ARG C 4 -6.06 -13.09 38.95
C ARG C 4 -6.59 -11.74 39.40
N PRO C 5 -6.08 -10.64 38.80
CA PRO C 5 -6.57 -9.32 39.23
C PRO C 5 -8.03 -9.09 38.80
N ARG C 6 -8.70 -8.14 39.45
CA ARG C 6 -10.11 -7.92 39.23
C ARG C 6 -10.20 -6.68 38.38
N CYS C 7 -11.01 -6.75 37.34
CA CYS C 7 -11.19 -5.63 36.43
C CYS C 7 -11.97 -4.58 37.19
N PRO C 8 -11.57 -3.29 37.11
CA PRO C 8 -12.32 -2.33 37.91
C PRO C 8 -13.61 -1.85 37.23
N GLY C 9 -14.49 -1.26 38.04
CA GLY C 9 -15.82 -0.87 37.58
C GLY C 9 -15.90 0.36 36.68
N ASP C 10 -17.14 0.72 36.35
CA ASP C 10 -17.52 1.89 35.53
C ASP C 10 -16.81 3.20 35.92
N ASP C 11 -16.72 3.43 37.23
CA ASP C 11 -16.28 4.70 37.79
C ASP C 11 -14.75 4.94 37.69
N ALA C 12 -13.97 3.86 37.69
CA ALA C 12 -12.51 3.95 37.89
C ALA C 12 -11.74 4.90 36.95
N SER C 13 -10.57 5.30 37.45
CA SER C 13 -9.67 6.18 36.72
C SER C 13 -8.90 5.43 35.63
N ILE C 14 -8.31 6.20 34.73
CA ILE C 14 -7.37 5.65 33.74
C ILE C 14 -6.16 5.09 34.45
N GLU C 15 -5.70 5.73 35.53
CA GLU C 15 -4.63 5.12 36.31
C GLU C 15 -5.03 3.76 36.96
N ASP C 16 -6.31 3.61 37.36
CA ASP C 16 -6.82 2.34 37.89
C ASP C 16 -6.84 1.31 36.73
N LEU C 17 -7.26 1.71 35.53
CA LEU C 17 -7.14 0.82 34.34
C LEU C 17 -5.70 0.45 34.01
N HIS C 18 -4.83 1.43 34.06
CA HIS C 18 -3.40 1.19 33.96
C HIS C 18 -2.88 0.13 34.93
N GLU C 19 -3.28 0.25 36.19
CA GLU C 19 -2.88 -0.68 37.21
C GLU C 19 -3.30 -2.09 36.89
N TYR C 20 -4.55 -2.26 36.47
CA TYR C 20 -5.08 -3.54 36.03
C TYR C 20 -4.30 -4.07 34.82
N TRP C 21 -4.10 -3.21 33.83
CA TRP C 21 -3.26 -3.52 32.66
C TRP C 21 -1.94 -4.17 33.04
N ALA C 22 -1.21 -3.52 33.95
CA ALA C 22 0.06 -4.04 34.49
C ALA C 22 -0.08 -5.33 35.29
N ARG C 23 -1.03 -5.38 36.20
CA ARG C 23 -1.29 -6.60 36.97
C ARG C 23 -1.70 -7.76 36.06
N LEU C 24 -2.51 -7.49 35.04
CA LEU C 24 -3.00 -8.52 34.16
C LEU C 24 -1.88 -9.06 33.30
N TRP C 25 -0.98 -8.20 32.84
CA TRP C 25 0.27 -8.67 32.18
C TRP C 25 1.10 -9.58 33.09
N ASN C 26 1.26 -9.20 34.37
CA ASN C 26 2.03 -10.01 35.32
C ASN C 26 1.39 -11.38 35.52
N TYR C 27 0.09 -11.39 35.75
CA TYR C 27 -0.66 -12.61 35.92
C TYR C 27 -0.57 -13.52 34.64
N LEU C 28 -0.87 -12.96 33.46
CA LEU C 28 -0.77 -13.70 32.22
C LEU C 28 0.64 -14.21 31.91
N TYR C 29 1.67 -13.53 32.35
CA TYR C 29 3.06 -13.98 32.19
C TYR C 29 3.38 -15.10 33.18
N ALA C 30 2.88 -14.96 34.41
CA ALA C 30 3.15 -15.95 35.48
C ALA C 30 2.56 -17.33 35.14
N VAL C 31 1.37 -17.29 34.54
CA VAL C 31 0.55 -18.46 34.28
C VAL C 31 0.85 -19.13 32.89
N ALA C 32 1.61 -18.48 32.02
CA ALA C 32 2.14 -19.09 30.78
C ALA C 32 3.57 -19.63 30.96
N THR D 2 5.54 15.39 -29.99
CA THR D 2 6.86 14.70 -29.96
C THR D 2 8.02 15.70 -29.88
N GLU D 3 9.14 15.16 -29.44
CA GLU D 3 10.36 15.88 -29.16
C GLU D 3 11.41 15.50 -30.22
N TYR D 4 12.22 16.48 -30.62
CA TYR D 4 13.33 16.24 -31.54
C TYR D 4 14.64 16.73 -30.93
N LYS D 5 15.65 15.88 -30.95
CA LYS D 5 17.02 16.23 -30.56
C LYS D 5 17.77 16.78 -31.78
N LEU D 6 18.07 18.06 -31.83
CA LEU D 6 18.85 18.59 -32.98
C LEU D 6 20.25 18.97 -32.57
N VAL D 7 21.18 18.76 -33.47
CA VAL D 7 22.59 19.01 -33.20
C VAL D 7 23.19 19.90 -34.30
N VAL D 8 23.88 20.96 -33.88
CA VAL D 8 24.49 21.93 -34.79
C VAL D 8 26.01 21.72 -34.76
N VAL D 9 26.59 21.45 -35.93
CA VAL D 9 28.04 21.26 -36.06
C VAL D 9 28.57 22.13 -37.21
N GLY D 10 29.89 22.37 -37.21
CA GLY D 10 30.53 23.29 -38.14
C GLY D 10 31.86 23.79 -37.62
N ALA D 11 32.67 24.34 -38.52
CA ALA D 11 34.05 24.81 -38.17
C ALA D 11 34.01 25.96 -37.22
N VAL D 12 35.16 26.35 -36.70
CA VAL D 12 35.22 27.47 -35.75
C VAL D 12 34.69 28.76 -36.39
N GLY D 13 33.79 29.39 -35.66
CA GLY D 13 33.32 30.74 -35.97
C GLY D 13 32.29 30.82 -37.09
N VAL D 14 31.84 29.68 -37.62
CA VAL D 14 30.86 29.71 -38.73
C VAL D 14 29.45 30.24 -38.34
N GLY D 15 29.15 30.28 -37.05
CA GLY D 15 27.84 30.76 -36.56
C GLY D 15 26.92 29.79 -35.83
N LYS D 16 27.49 28.72 -35.27
CA LYS D 16 26.73 27.70 -34.55
C LYS D 16 25.88 28.26 -33.43
N SER D 17 26.48 29.12 -32.61
CA SER D 17 25.79 29.70 -31.46
C SER D 17 24.82 30.84 -31.89
N ALA D 18 25.24 31.72 -32.80
CA ALA D 18 24.34 32.74 -33.32
C ALA D 18 23.08 32.16 -33.92
N LEU D 19 23.19 31.08 -34.69
CA LEU D 19 22.00 30.41 -35.23
C LEU D 19 21.09 29.85 -34.12
N THR D 20 21.69 29.19 -33.14
CA THR D 20 20.97 28.60 -31.99
C THR D 20 20.26 29.67 -31.23
N ILE D 21 20.96 30.76 -30.99
CA ILE D 21 20.41 31.88 -30.22
C ILE D 21 19.23 32.52 -30.97
N GLN D 22 19.42 32.75 -32.27
CA GLN D 22 18.34 33.28 -33.09
C GLN D 22 17.11 32.37 -33.06
N LEU D 23 17.29 31.06 -33.16
CA LEU D 23 16.14 30.16 -33.10
C LEU D 23 15.38 30.23 -31.78
N ILE D 24 16.12 30.17 -30.68
CA ILE D 24 15.53 30.06 -29.35
C ILE D 24 14.96 31.40 -28.89
N GLN D 25 15.81 32.43 -28.85
CA GLN D 25 15.51 33.73 -28.23
C GLN D 25 15.19 34.89 -29.23
N ASN D 26 15.27 34.62 -30.52
CA ASN D 26 14.92 35.62 -31.56
C ASN D 26 15.75 36.94 -31.59
N HIS D 27 17.02 36.90 -31.15
CA HIS D 27 17.96 38.04 -31.35
C HIS D 27 19.37 37.58 -31.77
N PHE D 28 20.22 38.52 -32.19
CA PHE D 28 21.57 38.20 -32.70
C PHE D 28 22.65 38.30 -31.61
N ASP D 38 21.01 30.72 -21.73
CA ASP D 38 20.10 30.28 -20.67
C ASP D 38 19.19 29.11 -21.09
N SER D 39 19.02 28.84 -22.39
CA SER D 39 17.99 27.91 -22.88
C SER D 39 18.28 27.28 -24.24
N TYR D 40 17.96 25.99 -24.36
CA TYR D 40 18.26 25.21 -25.57
C TYR D 40 17.06 24.49 -26.05
N ARG D 41 15.87 24.96 -25.64
CA ARG D 41 14.59 24.26 -25.88
C ARG D 41 13.52 25.21 -26.38
N LYS D 42 12.79 24.83 -27.41
CA LYS D 42 11.71 25.67 -27.95
C LYS D 42 10.59 24.82 -28.50
N GLN D 43 9.36 25.24 -28.19
CA GLN D 43 8.16 24.63 -28.64
C GLN D 43 7.71 25.36 -29.91
N VAL D 44 7.45 24.63 -30.98
CA VAL D 44 7.10 25.30 -32.25
C VAL D 44 6.13 24.48 -33.00
N VAL D 45 5.50 25.07 -34.02
CA VAL D 45 4.53 24.37 -34.85
C VAL D 45 5.13 24.32 -36.23
N ILE D 46 5.22 23.13 -36.77
CA ILE D 46 5.86 22.94 -38.07
C ILE D 46 4.99 22.02 -38.86
N ASP D 47 4.57 22.47 -40.05
CA ASP D 47 3.60 21.78 -40.92
C ASP D 47 2.36 21.31 -40.14
N GLY D 48 1.88 22.13 -39.21
CA GLY D 48 0.64 21.86 -38.50
C GLY D 48 0.71 20.82 -37.40
N GLU D 49 1.92 20.45 -36.96
CA GLU D 49 2.10 19.55 -35.83
C GLU D 49 3.07 20.19 -34.84
N THR D 50 2.70 20.28 -33.56
CA THR D 50 3.54 20.86 -32.54
C THR D 50 4.77 19.97 -32.32
N CYS D 51 5.91 20.59 -32.01
CA CYS D 51 6.99 19.83 -31.42
C CYS D 51 7.91 20.59 -30.54
N LEU D 52 8.68 19.84 -29.77
CA LEU D 52 9.63 20.40 -28.83
C LEU D 52 11.00 20.15 -29.40
N LEU D 53 11.77 21.21 -29.60
CA LEU D 53 13.14 21.08 -30.16
C LEU D 53 14.13 21.22 -29.03
N ASP D 54 15.02 20.24 -28.87
CA ASP D 54 16.21 20.43 -27.99
C ASP D 54 17.45 20.67 -28.89
N ILE D 55 18.28 21.67 -28.59
CA ILE D 55 19.40 22.01 -29.47
C ILE D 55 20.75 21.75 -28.81
N LEU D 56 21.55 20.89 -29.43
CA LEU D 56 22.95 20.72 -29.02
C LEU D 56 23.79 21.66 -29.88
N ASP D 57 24.31 22.71 -29.26
CA ASP D 57 25.14 23.70 -29.93
C ASP D 57 26.58 23.33 -29.62
N THR D 58 27.18 22.50 -30.47
CA THR D 58 28.54 21.97 -30.19
C THR D 58 29.55 23.10 -30.04
N ALA D 59 30.05 23.19 -28.81
CA ALA D 59 30.98 24.22 -28.36
C ALA D 59 32.35 23.57 -28.22
N GLY D 60 33.39 24.30 -28.64
CA GLY D 60 34.73 23.78 -28.63
C GLY D 60 35.04 22.99 -29.90
N GLN D 61 36.31 22.63 -30.02
CA GLN D 61 36.85 22.05 -31.24
C GLN D 61 36.71 20.55 -31.14
N GLU D 62 36.86 19.85 -32.27
CA GLU D 62 36.76 18.39 -32.25
C GLU D 62 37.87 17.78 -31.36
N GLU D 63 37.54 16.61 -30.77
CA GLU D 63 38.48 15.83 -29.96
C GLU D 63 37.96 14.42 -29.88
N TYR D 64 38.76 13.53 -29.29
CA TYR D 64 38.32 12.18 -28.99
C TYR D 64 37.61 12.28 -27.65
N SER D 65 36.41 11.73 -27.60
CA SER D 65 35.58 11.71 -26.39
C SER D 65 34.47 10.75 -26.61
N ALA D 66 34.54 9.65 -25.89
CA ALA D 66 33.49 8.65 -25.95
C ALA D 66 32.19 9.25 -25.40
N MET D 67 32.29 10.26 -24.55
CA MET D 67 31.11 10.92 -23.97
C MET D 67 30.42 11.83 -24.99
N ARG D 68 31.21 12.62 -25.75
CA ARG D 68 30.66 13.41 -26.85
C ARG D 68 30.00 12.53 -27.86
N ASP D 69 30.65 11.42 -28.19
CA ASP D 69 30.05 10.43 -29.06
C ASP D 69 28.64 10.07 -28.60
N GLN D 70 28.48 9.83 -27.31
CA GLN D 70 27.17 9.54 -26.74
C GLN D 70 26.24 10.79 -26.89
N TYR D 71 26.71 11.98 -26.50
CA TYR D 71 25.89 13.21 -26.62
C TYR D 71 25.39 13.40 -28.05
N MET D 72 26.26 13.14 -29.02
CA MET D 72 25.91 13.23 -30.45
C MET D 72 24.96 12.16 -30.99
N ARG D 73 25.17 10.93 -30.53
CA ARG D 73 24.38 9.80 -30.92
C ARG D 73 22.94 10.04 -30.50
N THR D 74 22.74 10.73 -29.39
CA THR D 74 21.37 11.02 -28.93
C THR D 74 20.63 11.99 -29.88
N GLY D 75 21.38 12.82 -30.60
CA GLY D 75 20.85 13.64 -31.69
C GLY D 75 20.17 12.82 -32.76
N GLU D 76 19.00 13.30 -33.20
CA GLU D 76 18.23 12.65 -34.27
C GLU D 76 18.40 13.34 -35.62
N GLY D 77 18.86 14.59 -35.62
CA GLY D 77 19.17 15.26 -36.85
C GLY D 77 20.23 16.33 -36.64
N PHE D 78 20.93 16.63 -37.73
CA PHE D 78 22.15 17.41 -37.71
C PHE D 78 22.09 18.58 -38.72
N LEU D 79 22.44 19.77 -38.23
CA LEU D 79 22.65 20.94 -39.06
C LEU D 79 24.18 21.02 -39.25
N CYS D 80 24.64 20.81 -40.48
CA CYS D 80 26.05 20.95 -40.88
C CYS D 80 26.26 22.33 -41.42
N VAL D 81 26.95 23.17 -40.63
CA VAL D 81 27.07 24.60 -40.89
C VAL D 81 28.48 24.96 -41.41
N PHE D 82 28.48 25.71 -42.50
CA PHE D 82 29.67 26.43 -42.97
C PHE D 82 29.30 27.91 -43.12
N ALA D 83 30.31 28.77 -43.28
CA ALA D 83 30.09 30.20 -43.55
C ALA D 83 30.45 30.48 -44.99
N ILE D 84 29.62 31.26 -45.66
CA ILE D 84 29.77 31.45 -47.09
C ILE D 84 30.99 32.30 -47.50
N ASN D 85 31.69 32.85 -46.50
CA ASN D 85 32.92 33.63 -46.71
C ASN D 85 34.16 32.87 -46.19
N ASN D 86 34.00 31.58 -45.94
CA ASN D 86 35.02 30.77 -45.29
C ASN D 86 35.09 29.42 -46.01
N THR D 87 36.11 29.32 -46.85
CA THR D 87 36.28 28.19 -47.75
C THR D 87 36.60 26.89 -47.05
N LYS D 88 37.45 26.93 -46.01
CA LYS D 88 37.81 25.71 -45.31
C LYS D 88 36.59 25.09 -44.60
N SER D 89 35.75 25.95 -44.02
CA SER D 89 34.50 25.52 -43.37
C SER D 89 33.60 24.71 -44.29
N PHE D 90 33.58 25.06 -45.58
CA PHE D 90 32.83 24.34 -46.61
C PHE D 90 33.51 23.03 -46.99
N GLU D 91 34.84 23.06 -47.18
CA GLU D 91 35.56 21.81 -47.44
C GLU D 91 35.66 20.94 -46.18
N ASP D 92 35.42 21.52 -44.99
CA ASP D 92 35.30 20.71 -43.76
C ASP D 92 34.03 19.85 -43.69
N ILE D 93 33.06 20.11 -44.57
CA ILE D 93 31.73 19.51 -44.43
C ILE D 93 31.78 18.01 -44.51
N HIS D 94 32.50 17.47 -45.49
CA HIS D 94 32.66 16.03 -45.66
C HIS D 94 33.09 15.37 -44.35
N GLN D 95 34.02 15.98 -43.64
CA GLN D 95 34.52 15.46 -42.37
C GLN D 95 33.37 15.34 -41.34
N TYR D 96 32.57 16.42 -41.17
CA TYR D 96 31.44 16.45 -40.21
C TYR D 96 30.41 15.41 -40.54
N ARG D 97 30.08 15.27 -41.81
CA ARG D 97 29.19 14.22 -42.27
C ARG D 97 29.72 12.81 -41.92
N GLU D 98 30.98 12.49 -42.27
CA GLU D 98 31.64 11.19 -41.89
C GLU D 98 31.60 10.86 -40.38
N GLN D 99 31.91 11.84 -39.53
CA GLN D 99 31.76 11.73 -38.08
C GLN D 99 30.31 11.51 -37.55
N ILE D 100 29.31 12.11 -38.19
CA ILE D 100 27.91 11.87 -37.83
C ILE D 100 27.54 10.44 -38.22
N LYS D 101 27.87 10.04 -39.46
CA LYS D 101 27.72 8.66 -39.93
C LYS D 101 28.38 7.65 -38.99
N ARG D 102 29.56 7.98 -38.47
CA ARG D 102 30.24 7.06 -37.56
C ARG D 102 29.51 6.89 -36.21
N VAL D 103 29.18 8.03 -35.62
CA VAL D 103 28.53 8.14 -34.33
C VAL D 103 27.14 7.51 -34.31
N LYS D 104 26.40 7.75 -35.40
CA LYS D 104 25.06 7.19 -35.56
C LYS D 104 25.07 5.79 -36.17
N ASP D 105 26.25 5.28 -36.55
CA ASP D 105 26.39 3.93 -37.14
C ASP D 105 25.38 3.68 -38.28
N SER D 106 25.21 4.68 -39.14
CA SER D 106 24.17 4.70 -40.17
C SER D 106 24.67 5.55 -41.32
N ASP D 107 24.37 5.10 -42.54
CA ASP D 107 24.91 5.74 -43.74
C ASP D 107 23.98 6.85 -44.26
N ASP D 108 22.78 6.96 -43.68
CA ASP D 108 21.95 8.16 -43.90
C ASP D 108 21.21 8.62 -42.63
N VAL D 109 21.58 9.81 -42.19
CA VAL D 109 21.11 10.41 -40.98
C VAL D 109 20.40 11.66 -41.46
N PRO D 110 19.25 12.00 -40.84
CA PRO D 110 18.58 13.25 -41.14
C PRO D 110 19.58 14.41 -41.04
N MET D 111 19.75 15.15 -42.14
CA MET D 111 20.75 16.19 -42.21
C MET D 111 20.35 17.41 -43.08
N VAL D 112 20.84 18.62 -42.74
CA VAL D 112 20.75 19.80 -43.61
C VAL D 112 22.08 20.53 -43.71
N LEU D 113 22.46 20.89 -44.93
CA LEU D 113 23.61 21.76 -45.17
C LEU D 113 23.22 23.21 -45.03
N VAL D 114 23.86 23.92 -44.13
CA VAL D 114 23.54 25.30 -43.86
C VAL D 114 24.74 26.18 -44.11
N GLY D 115 24.56 27.14 -45.02
CA GLY D 115 25.58 28.11 -45.38
C GLY D 115 25.19 29.43 -44.78
N ASN D 116 25.82 29.74 -43.65
CA ASN D 116 25.49 30.90 -42.87
C ASN D 116 26.33 32.13 -43.29
N LYS D 117 25.98 33.29 -42.73
CA LYS D 117 26.58 34.59 -43.01
C LYS D 117 26.21 35.15 -44.39
N CYS D 118 25.05 34.73 -44.91
CA CYS D 118 24.58 35.13 -46.26
C CYS D 118 24.25 36.61 -46.44
N ASP D 119 24.20 37.36 -45.33
CA ASP D 119 24.11 38.84 -45.38
C ASP D 119 25.39 39.52 -45.92
N LEU D 120 26.52 38.82 -45.89
CA LEU D 120 27.79 39.46 -46.19
C LEU D 120 28.06 39.49 -47.69
N PRO D 121 28.43 40.66 -48.21
CA PRO D 121 28.73 40.75 -49.65
C PRO D 121 29.92 39.93 -50.13
N SER D 122 31.01 39.88 -49.37
CA SER D 122 32.19 39.11 -49.79
C SER D 122 32.04 37.62 -49.46
N ARG D 123 31.80 36.86 -50.50
CA ARG D 123 31.44 35.47 -50.45
C ARG D 123 32.57 34.74 -51.23
N THR D 124 32.98 33.61 -50.70
CA THR D 124 33.95 32.73 -51.33
C THR D 124 33.33 31.37 -51.70
N VAL D 125 32.10 31.10 -51.21
CA VAL D 125 31.39 29.86 -51.57
C VAL D 125 30.09 30.17 -52.31
N GLU D 126 30.16 29.86 -53.61
CA GLU D 126 29.07 29.96 -54.54
C GLU D 126 27.85 29.18 -54.04
N SER D 127 26.64 29.71 -54.26
CA SER D 127 25.41 29.02 -53.93
C SER D 127 25.22 27.71 -54.69
N ARG D 128 25.46 27.70 -56.01
CA ARG D 128 25.32 26.46 -56.82
C ARG D 128 26.26 25.37 -56.31
N GLN D 129 27.49 25.74 -56.00
CA GLN D 129 28.50 24.81 -55.45
C GLN D 129 28.08 24.08 -54.15
N ALA D 130 27.32 24.76 -53.30
CA ALA D 130 26.88 24.16 -52.04
C ALA D 130 25.61 23.36 -52.31
N GLN D 131 24.78 23.86 -53.23
CA GLN D 131 23.59 23.17 -53.68
C GLN D 131 23.99 21.83 -54.35
N ASP D 132 25.04 21.88 -55.19
CA ASP D 132 25.62 20.67 -55.79
C ASP D 132 26.12 19.67 -54.76
N LEU D 133 26.79 20.14 -53.71
CA LEU D 133 27.22 19.21 -52.69
C LEU D 133 26.04 18.59 -51.95
N ALA D 134 25.07 19.43 -51.58
CA ALA D 134 23.85 18.93 -50.93
C ALA D 134 23.23 17.83 -51.80
N ARG D 135 23.00 18.15 -53.07
CA ARG D 135 22.43 17.21 -54.04
C ARG D 135 23.14 15.83 -54.05
N SER D 136 24.47 15.84 -54.15
CA SER D 136 25.27 14.60 -54.15
C SER D 136 24.92 13.73 -52.93
N TYR D 137 24.87 14.38 -51.76
CA TYR D 137 24.50 13.74 -50.50
C TYR D 137 23.00 13.41 -50.33
N GLY D 138 22.13 13.97 -51.18
CA GLY D 138 20.70 13.83 -51.04
C GLY D 138 20.08 14.54 -49.84
N ILE D 139 20.62 15.70 -49.48
CA ILE D 139 20.12 16.42 -48.31
C ILE D 139 19.69 17.81 -48.73
N PRO D 140 18.76 18.45 -48.00
CA PRO D 140 18.43 19.82 -48.29
C PRO D 140 19.60 20.78 -48.04
N TYR D 141 19.54 21.94 -48.68
CA TYR D 141 20.48 23.03 -48.45
C TYR D 141 19.70 24.29 -48.24
N ILE D 142 20.17 25.09 -47.29
CA ILE D 142 19.60 26.41 -47.05
C ILE D 142 20.67 27.45 -46.64
N GLU D 143 20.51 28.67 -47.14
CA GLU D 143 21.33 29.82 -46.78
C GLU D 143 20.70 30.51 -45.59
N THR D 144 21.54 30.99 -44.67
CA THR D 144 21.06 31.64 -43.47
C THR D 144 21.90 32.84 -43.19
N SER D 145 21.31 33.76 -42.44
CA SER D 145 21.98 34.86 -41.77
C SER D 145 21.44 34.96 -40.36
N ALA D 146 22.26 34.55 -39.38
CA ALA D 146 21.91 34.74 -37.98
C ALA D 146 21.93 36.21 -37.60
N LYS D 147 22.63 37.04 -38.37
CA LYS D 147 22.59 38.48 -38.12
C LYS D 147 21.22 39.04 -38.48
N THR D 148 20.71 38.77 -39.68
CA THR D 148 19.40 39.29 -40.08
C THR D 148 18.21 38.41 -39.67
N ARG D 149 18.48 37.13 -39.36
CA ARG D 149 17.47 36.08 -39.02
C ARG D 149 16.91 35.40 -40.26
N GLN D 150 17.45 35.75 -41.41
CA GLN D 150 16.99 35.12 -42.64
C GLN D 150 17.32 33.61 -42.68
N GLY D 151 16.30 32.82 -43.06
CA GLY D 151 16.39 31.38 -43.16
C GLY D 151 16.61 30.58 -41.86
N VAL D 152 16.72 31.24 -40.70
CA VAL D 152 17.08 30.57 -39.48
C VAL D 152 16.05 29.51 -39.17
N GLU D 153 14.78 29.91 -39.06
CA GLU D 153 13.72 28.98 -38.77
C GLU D 153 13.59 27.92 -39.82
N ASP D 154 13.70 28.30 -41.10
CA ASP D 154 13.64 27.34 -42.19
C ASP D 154 14.72 26.29 -42.13
N ALA D 155 15.90 26.63 -41.64
CA ALA D 155 16.98 25.61 -41.51
C ALA D 155 16.61 24.56 -40.47
N PHE D 156 16.16 25.01 -39.30
CA PHE D 156 15.79 24.06 -38.22
C PHE D 156 14.49 23.29 -38.57
N TYR D 157 13.52 23.95 -39.22
CA TYR D 157 12.26 23.30 -39.55
C TYR D 157 12.38 22.30 -40.71
N THR D 158 13.27 22.60 -41.65
CA THR D 158 13.60 21.64 -42.69
C THR D 158 14.32 20.41 -42.07
N LEU D 159 15.15 20.61 -41.06
CA LEU D 159 15.78 19.46 -40.42
C LEU D 159 14.69 18.58 -39.80
N VAL D 160 13.71 19.21 -39.15
CA VAL D 160 12.58 18.47 -38.59
C VAL D 160 11.81 17.73 -39.68
N ARG D 161 11.57 18.37 -40.83
CA ARG D 161 11.00 17.63 -41.97
C ARG D 161 11.78 16.37 -42.37
N GLU D 162 13.11 16.47 -42.44
CA GLU D 162 13.95 15.31 -42.79
C GLU D 162 13.85 14.18 -41.74
N ILE D 163 13.78 14.54 -40.48
CA ILE D 163 13.56 13.56 -39.40
C ILE D 163 12.17 12.93 -39.59
N ARG D 164 11.15 13.73 -39.92
CA ARG D 164 9.78 13.18 -40.20
C ARG D 164 9.68 12.19 -41.36
N LYS D 165 10.48 12.38 -42.42
CA LYS D 165 10.44 11.54 -43.64
C LYS D 165 11.22 10.22 -43.55
N HIS D 166 11.87 9.97 -42.42
CA HIS D 166 12.89 8.92 -42.27
C HIS D 166 12.44 8.02 -41.08
N ARG E 4 27.39 25.71 -16.17
CA ARG E 4 26.88 24.48 -15.45
C ARG E 4 25.55 24.73 -14.77
N PRO E 5 24.47 24.06 -15.17
CA PRO E 5 23.12 24.39 -14.70
C PRO E 5 22.81 23.91 -13.30
N ARG E 6 22.04 24.68 -12.56
CA ARG E 6 21.68 24.27 -11.20
C ARG E 6 20.63 23.16 -11.27
N CYS E 7 20.68 22.28 -10.27
CA CYS E 7 19.73 21.18 -10.13
C CYS E 7 18.29 21.72 -10.06
N PRO E 8 17.35 21.02 -10.73
CA PRO E 8 15.91 21.34 -10.84
C PRO E 8 15.17 21.60 -9.55
N GLY E 9 15.48 20.84 -8.50
CA GLY E 9 14.64 20.82 -7.30
C GLY E 9 13.65 19.66 -7.35
N ASP E 10 13.42 19.02 -6.20
CA ASP E 10 12.42 17.91 -6.04
C ASP E 10 11.04 18.29 -6.56
N ASP E 11 10.72 19.56 -6.37
CA ASP E 11 9.59 20.32 -6.85
C ASP E 11 9.32 20.23 -8.38
N ALA E 12 10.37 19.98 -9.18
CA ALA E 12 10.36 20.36 -10.58
C ALA E 12 9.37 19.61 -11.45
N SER E 13 8.82 20.34 -12.41
CA SER E 13 7.96 19.76 -13.41
C SER E 13 8.76 19.02 -14.48
N ILE E 14 8.05 18.16 -15.21
CA ILE E 14 8.60 17.41 -16.32
C ILE E 14 9.18 18.34 -17.38
N GLU E 15 8.50 19.47 -17.61
CA GLU E 15 9.03 20.51 -18.48
C GLU E 15 10.28 21.21 -17.88
N ASP E 16 10.30 21.44 -16.57
CA ASP E 16 11.51 21.93 -15.90
C ASP E 16 12.71 20.98 -16.11
N LEU E 17 12.46 19.68 -16.01
CA LEU E 17 13.48 18.65 -16.25
C LEU E 17 13.97 18.62 -17.69
N HIS E 18 13.04 18.70 -18.66
CA HIS E 18 13.41 18.77 -20.06
C HIS E 18 14.29 19.99 -20.36
N GLU E 19 13.98 21.10 -19.71
CA GLU E 19 14.71 22.34 -19.82
C GLU E 19 16.12 22.16 -19.24
N TYR E 20 16.16 21.64 -18.02
CA TYR E 20 17.42 21.32 -17.40
C TYR E 20 18.23 20.39 -18.30
N TRP E 21 17.62 19.32 -18.80
CA TRP E 21 18.33 18.31 -19.54
C TRP E 21 19.08 18.82 -20.79
N ALA E 22 18.38 19.62 -21.61
CA ALA E 22 18.98 20.25 -22.77
C ALA E 22 20.17 21.12 -22.41
N ARG E 23 20.09 21.87 -21.31
CA ARG E 23 21.24 22.63 -20.82
C ARG E 23 22.40 21.74 -20.41
N LEU E 24 22.05 20.65 -19.73
CA LEU E 24 23.07 19.72 -19.22
C LEU E 24 23.77 19.12 -20.41
N TRP E 25 22.99 18.77 -21.43
CA TRP E 25 23.50 18.19 -22.67
C TRP E 25 24.60 19.06 -23.29
N ASN E 26 24.31 20.35 -23.42
CA ASN E 26 25.27 21.32 -23.91
C ASN E 26 26.48 21.53 -22.99
N TYR E 27 26.21 21.61 -21.70
CA TYR E 27 27.30 21.80 -20.75
C TYR E 27 28.28 20.63 -20.82
N LEU E 28 27.76 19.43 -20.75
CA LEU E 28 28.58 18.24 -20.75
C LEU E 28 29.38 18.08 -22.02
N TYR E 29 28.80 18.38 -23.17
CA TYR E 29 29.58 18.32 -24.42
C TYR E 29 30.73 19.37 -24.35
N ALA E 30 30.44 20.58 -23.83
CA ALA E 30 31.43 21.66 -23.86
C ALA E 30 32.67 21.40 -23.01
N VAL E 31 32.50 20.72 -21.88
CA VAL E 31 33.63 20.49 -20.98
C VAL E 31 34.44 19.21 -21.21
N ALA E 32 34.11 18.40 -22.22
CA ALA E 32 34.72 17.09 -22.42
C ALA E 32 36.21 17.18 -22.78
N PRO F 2 9.23 3.37 -13.18
CA PRO F 2 9.71 4.59 -13.83
C PRO F 2 10.32 5.55 -12.82
N ARG F 3 11.55 5.31 -12.40
CA ARG F 3 12.14 6.07 -11.28
C ARG F 3 12.86 7.39 -11.63
N ARG F 4 12.51 8.43 -10.92
CA ARG F 4 13.04 9.74 -11.15
C ARG F 4 14.41 9.95 -10.49
N PRO F 5 15.47 10.11 -11.30
CA PRO F 5 16.81 10.12 -10.72
C PRO F 5 17.09 11.38 -9.91
N ARG F 6 18.12 11.31 -9.09
CA ARG F 6 18.43 12.36 -8.11
C ARG F 6 19.56 13.20 -8.72
N CYS F 7 19.43 14.53 -8.61
CA CYS F 7 20.44 15.44 -9.16
C CYS F 7 21.64 15.51 -8.20
N PRO F 8 22.84 15.21 -8.70
CA PRO F 8 24.05 15.26 -7.87
C PRO F 8 24.31 16.61 -7.20
N GLY F 9 24.98 16.60 -6.05
CA GLY F 9 25.34 17.85 -5.36
C GLY F 9 26.44 18.69 -6.01
N ASP F 10 26.82 19.75 -5.30
CA ASP F 10 27.91 20.66 -5.65
C ASP F 10 29.24 19.89 -5.84
N ASP F 11 29.43 18.85 -5.00
CA ASP F 11 30.56 17.90 -5.07
C ASP F 11 30.77 17.11 -6.38
N ALA F 12 29.72 16.95 -7.19
CA ALA F 12 29.71 15.97 -8.28
C ALA F 12 30.81 16.13 -9.34
N SER F 13 31.25 14.98 -9.81
CA SER F 13 32.21 14.90 -10.88
C SER F 13 31.43 14.96 -12.17
N ILE F 14 32.15 15.19 -13.27
CA ILE F 14 31.54 15.23 -14.57
C ILE F 14 30.88 13.90 -14.90
N GLU F 15 31.52 12.77 -14.54
CA GLU F 15 30.90 11.48 -14.75
C GLU F 15 29.60 11.31 -13.96
N ASP F 16 29.55 11.88 -12.76
CA ASP F 16 28.34 11.88 -11.96
C ASP F 16 27.22 12.64 -12.72
N LEU F 17 27.54 13.79 -13.32
CA LEU F 17 26.51 14.56 -14.04
C LEU F 17 26.10 13.84 -15.30
N HIS F 18 27.08 13.15 -15.90
CA HIS F 18 26.85 12.36 -17.07
C HIS F 18 25.90 11.24 -16.84
N GLU F 19 26.04 10.51 -15.75
CA GLU F 19 25.08 9.43 -15.43
C GLU F 19 23.71 10.00 -15.10
N TYR F 20 23.65 11.15 -14.43
CA TYR F 20 22.38 11.87 -14.23
C TYR F 20 21.75 12.25 -15.57
N TRP F 21 22.58 12.77 -16.49
CA TRP F 21 22.11 13.09 -17.82
C TRP F 21 21.49 11.87 -18.51
N ALA F 22 22.16 10.71 -18.43
CA ALA F 22 21.63 9.49 -19.06
C ALA F 22 20.37 8.99 -18.36
N ARG F 23 20.38 8.99 -17.02
CA ARG F 23 19.25 8.52 -16.24
C ARG F 23 18.01 9.42 -16.49
N LEU F 24 18.21 10.74 -16.51
CA LEU F 24 17.16 11.70 -16.84
C LEU F 24 16.59 11.52 -18.26
N TRP F 25 17.47 11.27 -19.22
CA TRP F 25 17.00 10.96 -20.58
C TRP F 25 16.09 9.73 -20.55
N ASN F 26 16.52 8.68 -19.84
CA ASN F 26 15.71 7.44 -19.77
C ASN F 26 14.35 7.63 -19.05
N TYR F 27 14.34 8.42 -17.97
CA TYR F 27 13.14 8.68 -17.20
C TYR F 27 12.16 9.48 -18.04
N LEU F 28 12.62 10.62 -18.54
CA LEU F 28 11.86 11.45 -19.45
C LEU F 28 11.28 10.68 -20.63
N TYR F 29 12.03 9.75 -21.20
CA TYR F 29 11.51 8.86 -22.23
C TYR F 29 10.33 7.94 -21.76
N ALA F 30 10.52 7.22 -20.68
CA ALA F 30 9.52 6.26 -20.17
C ALA F 30 8.16 6.92 -19.81
N VAL F 31 8.24 8.14 -19.25
CA VAL F 31 7.05 8.90 -18.80
C VAL F 31 6.28 9.68 -19.89
N ALA F 32 6.80 9.71 -21.11
CA ALA F 32 6.28 10.56 -22.18
C ALA F 32 5.09 9.89 -22.84
N THR G 2 1.93 -27.74 28.35
CA THR G 2 0.87 -26.79 27.86
C THR G 2 -0.43 -27.51 27.40
N GLU G 3 -0.30 -28.70 26.79
CA GLU G 3 -1.38 -29.46 26.18
C GLU G 3 -1.47 -30.90 26.76
N TYR G 4 -2.65 -31.29 27.27
CA TYR G 4 -2.85 -32.59 27.90
C TYR G 4 -3.99 -33.36 27.29
N LYS G 5 -3.69 -34.58 26.87
CA LYS G 5 -4.67 -35.52 26.30
C LYS G 5 -5.18 -36.45 27.40
N LEU G 6 -6.44 -36.27 27.80
CA LEU G 6 -6.99 -37.03 28.92
C LEU G 6 -8.04 -38.03 28.45
N VAL G 7 -7.99 -39.23 29.00
CA VAL G 7 -8.92 -40.31 28.60
C VAL G 7 -9.78 -40.76 29.76
N VAL G 8 -11.09 -40.75 29.54
CA VAL G 8 -12.06 -41.19 30.54
C VAL G 8 -12.58 -42.59 30.19
N VAL G 9 -12.39 -43.54 31.09
CA VAL G 9 -12.89 -44.90 30.84
C VAL G 9 -13.67 -45.41 32.05
N GLY G 10 -14.42 -46.49 31.82
CA GLY G 10 -15.35 -47.00 32.81
C GLY G 10 -16.55 -47.76 32.26
N ALA G 11 -17.11 -48.60 33.13
CA ALA G 11 -18.28 -49.46 32.81
C ALA G 11 -19.44 -48.65 32.35
N VAL G 12 -20.40 -49.34 31.76
CA VAL G 12 -21.55 -48.70 31.16
C VAL G 12 -22.32 -47.90 32.22
N GLY G 13 -22.61 -46.66 31.91
CA GLY G 13 -23.51 -45.84 32.69
C GLY G 13 -22.91 -45.26 33.95
N VAL G 14 -21.63 -45.41 34.20
CA VAL G 14 -21.02 -44.86 35.43
C VAL G 14 -20.93 -43.30 35.48
N GLY G 15 -21.09 -42.64 34.35
CA GLY G 15 -21.01 -41.21 34.28
C GLY G 15 -19.88 -40.57 33.51
N LYS G 16 -19.26 -41.31 32.60
CA LYS G 16 -18.15 -40.80 31.81
C LYS G 16 -18.53 -39.49 31.05
N SER G 17 -19.65 -39.54 30.38
CA SER G 17 -20.08 -38.39 29.62
C SER G 17 -20.55 -37.29 30.54
N ALA G 18 -21.34 -37.62 31.54
CA ALA G 18 -21.76 -36.58 32.48
C ALA G 18 -20.57 -35.84 33.11
N LEU G 19 -19.48 -36.53 33.42
CA LEU G 19 -18.28 -35.91 33.99
C LEU G 19 -17.60 -34.99 32.99
N THR G 20 -17.52 -35.43 31.76
CA THR G 20 -16.90 -34.68 30.69
C THR G 20 -17.68 -33.40 30.45
N ILE G 21 -18.99 -33.52 30.35
CA ILE G 21 -19.82 -32.34 30.03
C ILE G 21 -19.70 -31.33 31.21
N GLN G 22 -19.73 -31.83 32.43
CA GLN G 22 -19.49 -30.93 33.58
C GLN G 22 -18.14 -30.19 33.49
N LEU G 23 -17.08 -30.90 33.13
CA LEU G 23 -15.78 -30.25 33.02
C LEU G 23 -15.82 -29.17 31.98
N ILE G 24 -16.29 -29.56 30.80
CA ILE G 24 -16.22 -28.70 29.64
C ILE G 24 -17.21 -27.52 29.78
N GLN G 25 -18.44 -27.80 30.20
CA GLN G 25 -19.55 -26.86 30.06
C GLN G 25 -20.18 -26.28 31.32
N ASN G 26 -19.98 -26.92 32.48
CA ASN G 26 -20.48 -26.46 33.81
C ASN G 26 -22.02 -26.55 33.95
N ASP G 38 -20.38 -28.67 19.82
CA ASP G 38 -19.99 -29.30 21.09
C ASP G 38 -18.49 -29.65 21.17
N SER G 39 -17.96 -29.66 22.40
CA SER G 39 -16.53 -29.43 22.67
C SER G 39 -15.93 -30.54 23.56
N TYR G 40 -14.67 -30.90 23.29
CA TYR G 40 -13.89 -31.82 24.13
C TYR G 40 -12.59 -31.18 24.60
N ARG G 41 -12.56 -29.84 24.61
CA ARG G 41 -11.33 -29.10 24.86
C ARG G 41 -11.63 -27.94 25.77
N LYS G 42 -10.74 -27.68 26.71
CA LYS G 42 -10.89 -26.54 27.60
C LYS G 42 -9.53 -26.04 28.09
N GLN G 43 -9.41 -24.72 28.14
CA GLN G 43 -8.23 -24.04 28.72
C GLN G 43 -8.50 -23.77 30.19
N VAL G 44 -7.59 -24.20 31.06
CA VAL G 44 -7.74 -24.02 32.51
C VAL G 44 -6.40 -23.67 33.08
N VAL G 45 -6.40 -23.20 34.33
CA VAL G 45 -5.18 -22.93 35.04
C VAL G 45 -5.16 -23.88 36.25
N ILE G 46 -4.11 -24.68 36.37
CA ILE G 46 -3.94 -25.60 37.50
C ILE G 46 -2.60 -25.32 38.17
N ASP G 47 -2.61 -25.14 39.49
CA ASP G 47 -1.39 -24.83 40.27
C ASP G 47 -0.57 -23.71 39.61
N GLY G 48 -1.29 -22.70 39.14
CA GLY G 48 -0.68 -21.48 38.61
C GLY G 48 -0.03 -21.59 37.24
N GLU G 49 -0.38 -22.62 36.45
CA GLU G 49 0.16 -22.80 35.10
C GLU G 49 -0.99 -23.22 34.19
N THR G 50 -1.20 -22.44 33.13
CA THR G 50 -2.22 -22.72 32.14
C THR G 50 -1.98 -24.02 31.44
N CYS G 51 -3.08 -24.70 31.14
CA CYS G 51 -3.04 -25.75 30.16
C CYS G 51 -4.30 -25.89 29.37
N LEU G 52 -4.16 -26.59 28.24
CA LEU G 52 -5.26 -26.98 27.39
C LEU G 52 -5.46 -28.50 27.59
N LEU G 53 -6.71 -28.88 27.86
CA LEU G 53 -7.13 -30.26 28.10
C LEU G 53 -7.96 -30.70 26.91
N ASP G 54 -7.64 -31.86 26.33
CA ASP G 54 -8.48 -32.53 25.33
C ASP G 54 -8.99 -33.80 26.01
N ILE G 55 -10.29 -34.08 25.96
CA ILE G 55 -10.86 -35.25 26.64
C ILE G 55 -11.45 -36.27 25.67
N LEU G 56 -10.91 -37.49 25.72
CA LEU G 56 -11.55 -38.61 25.03
C LEU G 56 -12.51 -39.25 26.03
N ASP G 57 -13.79 -39.02 25.77
CA ASP G 57 -14.91 -39.62 26.51
C ASP G 57 -15.24 -40.96 25.83
N THR G 58 -14.63 -42.05 26.30
CA THR G 58 -14.76 -43.33 25.59
C THR G 58 -16.18 -43.80 25.57
N ALA G 59 -16.70 -43.99 24.36
CA ALA G 59 -18.12 -44.35 24.09
C ALA G 59 -18.21 -45.71 23.34
N GLY G 60 -19.24 -46.49 23.70
CA GLY G 60 -19.39 -47.90 23.29
C GLY G 60 -18.74 -48.85 24.27
N GLN G 61 -19.18 -50.12 24.27
CA GLN G 61 -18.58 -51.16 25.12
C GLN G 61 -17.16 -51.39 24.64
N GLU G 62 -16.39 -52.15 25.40
CA GLU G 62 -15.03 -52.47 24.96
C GLU G 62 -15.08 -53.47 23.79
N GLU G 63 -14.06 -53.42 22.96
CA GLU G 63 -14.01 -54.03 21.61
C GLU G 63 -12.56 -54.32 21.35
N TYR G 64 -12.26 -55.33 20.52
CA TYR G 64 -11.00 -55.34 19.83
C TYR G 64 -11.06 -54.24 18.75
N SER G 65 -9.99 -53.45 18.69
CA SER G 65 -9.84 -52.41 17.65
C SER G 65 -8.42 -51.89 17.73
N ALA G 66 -7.62 -52.14 16.69
CA ALA G 66 -6.28 -51.55 16.60
C ALA G 66 -6.36 -50.01 16.53
N MET G 67 -7.38 -49.47 15.89
CA MET G 67 -7.64 -48.00 15.92
C MET G 67 -7.89 -47.40 17.33
N ARG G 68 -8.82 -47.99 18.07
CA ARG G 68 -9.03 -47.61 19.46
C ARG G 68 -7.76 -47.61 20.28
N ASP G 69 -6.99 -48.68 20.16
CA ASP G 69 -5.68 -48.75 20.82
C ASP G 69 -4.84 -47.51 20.53
N GLN G 70 -4.83 -47.11 19.26
CA GLN G 70 -4.12 -45.92 18.82
C GLN G 70 -4.71 -44.66 19.50
N TYR G 71 -6.03 -44.49 19.40
CA TYR G 71 -6.73 -43.39 20.03
C TYR G 71 -6.42 -43.33 21.50
N MET G 72 -6.36 -44.49 22.16
CA MET G 72 -6.06 -44.53 23.58
C MET G 72 -4.60 -44.28 23.92
N ARG G 73 -3.70 -44.86 23.13
CA ARG G 73 -2.27 -44.67 23.33
C ARG G 73 -1.89 -43.19 23.25
N THR G 74 -2.62 -42.39 22.49
CA THR G 74 -2.41 -40.95 22.44
C THR G 74 -2.64 -40.26 23.80
N GLY G 75 -3.52 -40.82 24.64
CA GLY G 75 -3.78 -40.29 25.97
C GLY G 75 -2.58 -40.36 26.87
N GLU G 76 -2.35 -39.30 27.65
CA GLU G 76 -1.19 -39.15 28.53
C GLU G 76 -1.60 -39.44 29.95
N GLY G 77 -2.90 -39.29 30.25
CA GLY G 77 -3.47 -39.77 31.50
C GLY G 77 -4.93 -40.21 31.44
N PHE G 78 -5.29 -41.06 32.38
CA PHE G 78 -6.55 -41.79 32.36
C PHE G 78 -7.34 -41.60 33.63
N LEU G 79 -8.61 -41.18 33.53
CA LEU G 79 -9.58 -41.34 34.63
C LEU G 79 -10.25 -42.73 34.53
N CYS G 80 -10.05 -43.56 35.55
CA CYS G 80 -10.75 -44.85 35.68
C CYS G 80 -12.02 -44.65 36.54
N VAL G 81 -13.18 -44.59 35.89
CA VAL G 81 -14.41 -44.22 36.58
C VAL G 81 -15.25 -45.40 36.98
N PHE G 82 -15.70 -45.42 38.23
CA PHE G 82 -16.76 -46.35 38.66
C PHE G 82 -17.86 -45.54 39.33
N ALA G 83 -18.98 -46.16 39.58
CA ALA G 83 -20.10 -45.56 40.26
C ALA G 83 -20.22 -46.22 41.62
N ILE G 84 -20.42 -45.39 42.66
CA ILE G 84 -20.45 -45.83 44.04
C ILE G 84 -21.66 -46.74 44.36
N ASN G 85 -22.67 -46.75 43.47
CA ASN G 85 -23.81 -47.63 43.56
C ASN G 85 -23.78 -48.85 42.61
N ASN G 86 -22.62 -49.17 42.05
CA ASN G 86 -22.50 -50.24 41.05
C ASN G 86 -21.20 -51.01 41.35
N THR G 87 -21.38 -52.09 42.11
CA THR G 87 -20.27 -52.93 42.58
C THR G 87 -19.49 -53.48 41.40
N LYS G 88 -20.20 -53.87 40.34
CA LYS G 88 -19.57 -54.42 39.13
C LYS G 88 -18.57 -53.41 38.52
N SER G 89 -19.01 -52.16 38.40
CA SER G 89 -18.16 -51.11 37.83
C SER G 89 -16.86 -50.94 38.60
N PHE G 90 -16.91 -51.10 39.91
CA PHE G 90 -15.71 -51.09 40.76
C PHE G 90 -14.84 -52.34 40.59
N GLU G 91 -15.43 -53.51 40.53
CA GLU G 91 -14.69 -54.75 40.23
C GLU G 91 -14.06 -54.70 38.82
N ASP G 92 -14.68 -53.98 37.86
CA ASP G 92 -14.11 -53.79 36.55
C ASP G 92 -12.85 -52.94 36.49
N ILE G 93 -12.52 -52.22 37.56
CA ILE G 93 -11.38 -51.27 37.53
C ILE G 93 -10.03 -51.91 37.21
N HIS G 94 -9.77 -53.09 37.80
CA HIS G 94 -8.56 -53.85 37.52
C HIS G 94 -8.39 -54.00 36.00
N GLN G 95 -9.46 -54.46 35.33
CA GLN G 95 -9.44 -54.72 33.91
C GLN G 95 -9.10 -53.44 33.11
N TYR G 96 -9.67 -52.28 33.49
CA TYR G 96 -9.42 -51.01 32.72
C TYR G 96 -7.96 -50.60 32.86
N ARG G 97 -7.48 -50.69 34.09
CA ARG G 97 -6.11 -50.46 34.42
C ARG G 97 -5.20 -51.32 33.54
N GLU G 98 -5.50 -52.63 33.42
CA GLU G 98 -4.67 -53.57 32.63
C GLU G 98 -4.71 -53.24 31.15
N GLN G 99 -5.88 -52.83 30.66
CA GLN G 99 -6.02 -52.39 29.29
C GLN G 99 -5.21 -51.12 28.95
N ILE G 100 -5.09 -50.21 29.92
CA ILE G 100 -4.32 -48.98 29.78
C ILE G 100 -2.83 -49.30 29.78
N LYS G 101 -2.40 -50.19 30.68
CA LYS G 101 -1.01 -50.66 30.69
C LYS G 101 -0.65 -51.35 29.36
N ARG G 102 -1.53 -52.22 28.84
CA ARG G 102 -1.33 -52.87 27.53
C ARG G 102 -1.12 -51.85 26.40
N VAL G 103 -2.10 -50.98 26.21
CA VAL G 103 -2.08 -49.99 25.15
C VAL G 103 -0.90 -49.01 25.25
N LYS G 104 -0.48 -48.69 26.47
CA LYS G 104 0.60 -47.72 26.69
C LYS G 104 2.03 -48.32 26.81
N ASP G 105 2.09 -49.67 26.85
CA ASP G 105 3.30 -50.47 27.19
C ASP G 105 4.13 -49.94 28.38
N SER G 106 3.50 -49.88 29.54
CA SER G 106 4.10 -49.26 30.70
C SER G 106 3.30 -49.62 31.95
N ASP G 107 4.03 -49.97 33.01
CA ASP G 107 3.46 -50.28 34.32
C ASP G 107 3.22 -49.00 35.13
N ASP G 108 3.70 -47.85 34.63
CA ASP G 108 3.54 -46.54 35.28
C ASP G 108 2.83 -45.47 34.38
N VAL G 109 1.51 -45.52 34.32
CA VAL G 109 0.74 -44.59 33.49
C VAL G 109 -0.02 -43.63 34.40
N PRO G 110 0.03 -42.32 34.13
CA PRO G 110 -0.77 -41.45 35.02
C PRO G 110 -2.28 -41.78 34.99
N MET G 111 -2.86 -41.81 36.20
CA MET G 111 -4.17 -42.39 36.42
C MET G 111 -4.79 -41.83 37.68
N VAL G 112 -6.09 -41.61 37.65
CA VAL G 112 -6.83 -41.31 38.85
C VAL G 112 -8.04 -42.21 38.94
N LEU G 113 -8.25 -42.80 40.11
CA LEU G 113 -9.46 -43.56 40.40
C LEU G 113 -10.58 -42.57 40.79
N VAL G 114 -11.72 -42.68 40.12
CA VAL G 114 -12.82 -41.75 40.32
C VAL G 114 -14.05 -42.55 40.74
N GLY G 115 -14.54 -42.30 41.95
CA GLY G 115 -15.82 -42.83 42.38
C GLY G 115 -16.96 -41.85 42.13
N ASN G 116 -17.72 -42.06 41.05
CA ASN G 116 -18.78 -41.13 40.65
C ASN G 116 -20.15 -41.50 41.22
N LYS G 117 -21.05 -40.53 41.18
CA LYS G 117 -22.44 -40.56 41.71
C LYS G 117 -22.51 -40.45 43.25
N CYS G 118 -21.61 -39.64 43.83
CA CYS G 118 -21.44 -39.63 45.28
C CYS G 118 -22.56 -38.87 46.01
N ASP G 119 -23.37 -38.11 45.25
CA ASP G 119 -24.63 -37.53 45.72
C ASP G 119 -25.71 -38.57 46.07
N LEU G 120 -25.57 -39.84 45.64
CA LEU G 120 -26.62 -40.80 45.89
C LEU G 120 -26.50 -41.42 47.30
N PRO G 121 -27.60 -41.46 48.06
CA PRO G 121 -27.54 -42.15 49.37
C PRO G 121 -27.40 -43.65 49.32
N SER G 122 -27.96 -44.33 48.31
CA SER G 122 -27.87 -45.79 48.24
C SER G 122 -26.52 -46.17 47.59
N ARG G 123 -25.54 -46.37 48.44
CA ARG G 123 -24.18 -46.59 48.09
C ARG G 123 -23.89 -48.07 48.39
N THR G 124 -23.16 -48.75 47.49
CA THR G 124 -22.70 -50.13 47.71
C THR G 124 -21.18 -50.27 47.78
N VAL G 125 -20.44 -49.30 47.25
CA VAL G 125 -19.00 -49.35 47.32
C VAL G 125 -18.57 -48.28 48.29
N GLU G 126 -17.87 -48.70 49.35
CA GLU G 126 -17.51 -47.79 50.46
C GLU G 126 -16.26 -47.01 50.11
N SER G 127 -16.16 -45.81 50.68
CA SER G 127 -15.06 -44.90 50.44
C SER G 127 -13.70 -45.57 50.73
N ARG G 128 -13.60 -46.25 51.88
CA ARG G 128 -12.38 -46.96 52.31
C ARG G 128 -11.93 -48.04 51.36
N GLN G 129 -12.86 -48.88 50.91
CA GLN G 129 -12.58 -49.92 49.92
C GLN G 129 -11.90 -49.36 48.65
N ALA G 130 -12.39 -48.23 48.17
CA ALA G 130 -11.87 -47.60 46.96
C ALA G 130 -10.52 -46.95 47.27
N GLN G 131 -10.38 -46.32 48.44
CA GLN G 131 -9.09 -45.73 48.85
C GLN G 131 -7.99 -46.79 48.91
N ASP G 132 -8.31 -47.94 49.52
CA ASP G 132 -7.38 -49.06 49.56
C ASP G 132 -7.02 -49.58 48.17
N LEU G 133 -7.96 -49.63 47.23
CA LEU G 133 -7.61 -50.06 45.87
C LEU G 133 -6.66 -49.07 45.17
N ALA G 134 -6.97 -47.78 45.24
CA ALA G 134 -6.04 -46.73 44.77
C ALA G 134 -4.68 -46.82 45.48
N ARG G 135 -4.67 -47.03 46.80
CA ARG G 135 -3.41 -47.25 47.56
C ARG G 135 -2.63 -48.42 46.96
N SER G 136 -3.30 -49.55 46.77
CA SER G 136 -2.63 -50.70 46.17
C SER G 136 -2.11 -50.46 44.74
N TYR G 137 -2.62 -49.43 44.06
CA TYR G 137 -2.10 -49.01 42.74
C TYR G 137 -1.07 -47.87 42.76
N GLY G 138 -0.82 -47.26 43.90
CA GLY G 138 -0.06 -46.01 44.00
C GLY G 138 -0.65 -44.80 43.27
N ILE G 139 -1.99 -44.64 43.30
CA ILE G 139 -2.68 -43.57 42.55
C ILE G 139 -3.68 -42.81 43.40
N PRO G 140 -4.02 -41.59 43.01
CA PRO G 140 -5.02 -40.83 43.77
C PRO G 140 -6.47 -41.31 43.59
N TYR G 141 -7.33 -40.84 44.48
CA TYR G 141 -8.72 -41.25 44.51
C TYR G 141 -9.58 -40.05 44.84
N ILE G 142 -10.60 -39.82 44.03
CA ILE G 142 -11.53 -38.73 44.22
C ILE G 142 -12.95 -39.30 44.05
N GLU G 143 -13.82 -38.93 44.97
CA GLU G 143 -15.25 -39.06 44.81
C GLU G 143 -15.83 -37.87 44.03
N THR G 144 -16.70 -38.14 43.06
CA THR G 144 -17.32 -37.09 42.29
C THR G 144 -18.82 -37.25 42.22
N SER G 145 -19.48 -36.12 41.91
CA SER G 145 -20.87 -36.11 41.46
C SER G 145 -20.94 -35.23 40.24
N ALA G 146 -21.18 -35.85 39.08
CA ALA G 146 -21.53 -35.07 37.89
C ALA G 146 -22.85 -34.32 38.05
N LYS G 147 -23.79 -34.80 38.87
CA LYS G 147 -25.04 -34.07 39.11
C LYS G 147 -24.80 -32.74 39.88
N THR G 148 -24.12 -32.76 41.01
CA THR G 148 -23.86 -31.52 41.76
C THR G 148 -22.58 -30.74 41.33
N ARG G 149 -21.72 -31.40 40.54
CA ARG G 149 -20.39 -30.88 40.17
C ARG G 149 -19.31 -31.00 41.25
N GLN G 150 -19.67 -31.61 42.37
CA GLN G 150 -18.70 -31.90 43.40
C GLN G 150 -17.54 -32.80 42.92
N GLY G 151 -16.30 -32.34 43.14
CA GLY G 151 -15.11 -33.08 42.78
C GLY G 151 -14.72 -33.22 41.28
N VAL G 152 -15.51 -32.67 40.36
CA VAL G 152 -15.30 -32.84 38.91
C VAL G 152 -13.99 -32.21 38.51
N GLU G 153 -13.86 -30.94 38.76
CA GLU G 153 -12.59 -30.26 38.62
C GLU G 153 -11.44 -30.99 39.22
N ASP G 154 -11.61 -31.35 40.48
CA ASP G 154 -10.51 -31.97 41.21
C ASP G 154 -10.11 -33.29 40.61
N ALA G 155 -11.06 -34.06 40.07
CA ALA G 155 -10.68 -35.29 39.42
C ALA G 155 -9.75 -35.04 38.25
N PHE G 156 -10.10 -34.13 37.34
CA PHE G 156 -9.33 -33.94 36.10
C PHE G 156 -8.03 -33.18 36.39
N TYR G 157 -8.05 -32.21 37.32
CA TYR G 157 -6.87 -31.42 37.69
C TYR G 157 -5.86 -32.27 38.43
N THR G 158 -6.35 -33.15 39.31
CA THR G 158 -5.50 -34.17 39.94
C THR G 158 -4.85 -35.12 38.90
N LEU G 159 -5.56 -35.48 37.84
CA LEU G 159 -4.95 -36.25 36.75
C LEU G 159 -3.79 -35.49 36.08
N VAL G 160 -4.00 -34.19 35.86
CA VAL G 160 -2.94 -33.33 35.35
C VAL G 160 -1.72 -33.24 36.28
N ARG G 161 -1.97 -33.20 37.58
CA ARG G 161 -0.88 -33.31 38.56
C ARG G 161 -0.06 -34.58 38.39
N GLU G 162 -0.76 -35.70 38.24
CA GLU G 162 -0.16 -37.01 38.00
C GLU G 162 0.63 -37.07 36.69
N ILE G 163 0.14 -36.44 35.65
CA ILE G 163 0.93 -36.33 34.41
C ILE G 163 2.16 -35.47 34.66
N ARG G 164 1.98 -34.31 35.29
CA ARG G 164 3.11 -33.44 35.58
C ARG G 164 4.21 -34.06 36.45
N LYS G 165 3.88 -35.02 37.34
CA LYS G 165 4.89 -35.73 38.16
C LYS G 165 5.86 -36.62 37.37
N ARG H 4 -20.34 -36.99 13.31
CA ARG H 4 -19.07 -36.71 12.50
C ARG H 4 -18.83 -35.18 12.42
N PRO H 5 -17.69 -34.66 12.91
CA PRO H 5 -17.53 -33.20 12.82
C PRO H 5 -17.32 -32.76 11.38
N ARG H 6 -17.84 -31.58 11.09
CA ARG H 6 -17.60 -31.03 9.78
C ARG H 6 -16.14 -30.64 9.62
N CYS H 7 -15.67 -30.62 8.38
CA CYS H 7 -14.31 -30.11 8.08
C CYS H 7 -14.09 -28.63 8.48
N PRO H 8 -12.96 -28.32 9.16
CA PRO H 8 -12.69 -26.94 9.63
C PRO H 8 -12.65 -25.80 8.59
N GLY H 9 -12.26 -26.07 7.35
CA GLY H 9 -12.12 -24.98 6.36
C GLY H 9 -10.69 -24.50 6.29
N ASP H 10 -10.26 -24.07 5.10
CA ASP H 10 -8.84 -23.78 4.79
C ASP H 10 -8.28 -22.69 5.68
N ASP H 11 -9.12 -21.69 5.90
CA ASP H 11 -8.95 -20.57 6.83
C ASP H 11 -8.77 -20.80 8.32
N ALA H 12 -9.10 -21.99 8.81
CA ALA H 12 -9.15 -22.27 10.25
C ALA H 12 -7.90 -21.83 10.97
N SER H 13 -8.07 -21.26 12.15
CA SER H 13 -6.97 -21.09 13.05
C SER H 13 -6.50 -22.44 13.58
N ILE H 14 -5.31 -22.43 14.14
CA ILE H 14 -4.73 -23.55 14.84
C ILE H 14 -5.68 -23.97 15.95
N GLU H 15 -6.31 -23.00 16.61
CA GLU H 15 -7.20 -23.32 17.73
C GLU H 15 -8.42 -24.06 17.18
N ASP H 16 -8.98 -23.58 16.08
CA ASP H 16 -10.07 -24.26 15.38
C ASP H 16 -9.74 -25.70 15.03
N LEU H 17 -8.51 -25.95 14.55
CA LEU H 17 -8.03 -27.29 14.21
C LEU H 17 -7.96 -28.15 15.46
N HIS H 18 -7.48 -27.57 16.57
CA HIS H 18 -7.40 -28.30 17.80
C HIS H 18 -8.81 -28.70 18.27
N GLU H 19 -9.77 -27.79 18.17
CA GLU H 19 -11.13 -28.07 18.58
C GLU H 19 -11.71 -29.15 17.71
N TYR H 20 -11.45 -29.06 16.41
CA TYR H 20 -11.89 -30.09 15.49
C TYR H 20 -11.23 -31.42 15.84
N TRP H 21 -9.95 -31.39 16.12
CA TRP H 21 -9.20 -32.62 16.35
C TRP H 21 -9.77 -33.41 17.51
N ALA H 22 -10.05 -32.73 18.62
CA ALA H 22 -10.60 -33.36 19.81
C ALA H 22 -11.97 -34.02 19.55
N ARG H 23 -12.79 -33.34 18.77
CA ARG H 23 -14.07 -33.87 18.34
C ARG H 23 -13.90 -35.11 17.46
N LEU H 24 -12.95 -35.05 16.53
CA LEU H 24 -12.66 -36.18 15.64
C LEU H 24 -12.15 -37.40 16.41
N TRP H 25 -11.26 -37.15 17.36
CA TRP H 25 -10.75 -38.18 18.27
C TRP H 25 -11.93 -38.95 18.91
N ASN H 26 -12.91 -38.22 19.44
CA ASN H 26 -14.05 -38.85 20.11
C ASN H 26 -14.93 -39.61 19.12
N TYR H 27 -15.17 -39.01 17.95
CA TYR H 27 -15.98 -39.63 16.94
C TYR H 27 -15.39 -40.97 16.46
N LEU H 28 -14.13 -40.99 16.10
CA LEU H 28 -13.51 -42.17 15.53
C LEU H 28 -13.45 -43.28 16.56
N TYR H 29 -13.20 -42.91 17.82
CA TYR H 29 -13.27 -43.91 18.90
C TYR H 29 -14.68 -44.48 18.95
N ALA H 30 -15.70 -43.63 18.86
CA ALA H 30 -17.09 -44.06 19.06
C ALA H 30 -17.59 -45.05 18.00
N VAL H 31 -17.23 -44.79 16.75
CA VAL H 31 -17.79 -45.50 15.62
C VAL H 31 -17.01 -46.76 15.29
N ALA H 32 -15.98 -47.08 16.05
CA ALA H 32 -15.20 -48.25 15.73
C ALA H 32 -15.92 -49.58 16.05
N GLY I 1 8.65 -27.69 8.49
CA GLY I 1 7.75 -28.80 8.96
C GLY I 1 6.74 -29.26 7.93
N PRO I 2 5.82 -30.18 8.32
CA PRO I 2 4.81 -30.63 7.37
C PRO I 2 3.82 -29.53 6.93
N ARG I 3 3.26 -29.74 5.76
CA ARG I 3 2.18 -28.91 5.31
C ARG I 3 0.88 -29.27 6.04
N ARG I 4 -0.03 -28.31 5.97
CA ARG I 4 -1.30 -28.40 6.63
C ARG I 4 -2.17 -29.40 5.89
N PRO I 5 -2.54 -30.51 6.55
CA PRO I 5 -3.29 -31.55 5.87
C PRO I 5 -4.68 -31.13 5.47
N ARG I 6 -5.17 -31.69 4.37
CA ARG I 6 -6.47 -31.37 3.77
C ARG I 6 -7.51 -32.29 4.43
N CYS I 7 -8.68 -31.78 4.78
CA CYS I 7 -9.70 -32.56 5.45
C CYS I 7 -10.41 -33.29 4.35
N PRO I 8 -10.56 -34.63 4.48
CA PRO I 8 -11.27 -35.33 3.40
C PRO I 8 -12.76 -34.96 3.36
N GLY I 9 -13.41 -35.21 2.25
CA GLY I 9 -14.77 -34.74 2.04
C GLY I 9 -15.85 -35.77 2.31
N ASP I 10 -16.96 -35.57 1.59
CA ASP I 10 -18.24 -36.28 1.76
C ASP I 10 -18.08 -37.78 1.59
N ASP I 11 -17.17 -38.18 0.70
CA ASP I 11 -16.94 -39.60 0.39
C ASP I 11 -15.79 -40.27 1.19
N ALA I 12 -15.38 -39.69 2.33
CA ALA I 12 -14.33 -40.28 3.13
C ALA I 12 -14.76 -41.57 3.87
N SER I 13 -13.96 -42.62 3.78
CA SER I 13 -14.11 -43.76 4.68
C SER I 13 -13.61 -43.37 6.08
N ILE I 14 -13.98 -44.20 7.06
CA ILE I 14 -13.42 -44.03 8.39
C ILE I 14 -11.90 -44.11 8.38
N GLU I 15 -11.31 -44.97 7.54
CA GLU I 15 -9.84 -45.00 7.47
C GLU I 15 -9.25 -43.65 6.95
N ASP I 16 -9.91 -43.02 5.98
CA ASP I 16 -9.45 -41.69 5.51
C ASP I 16 -9.57 -40.67 6.66
N LEU I 17 -10.65 -40.72 7.43
CA LEU I 17 -10.79 -39.80 8.57
C LEU I 17 -9.71 -40.10 9.57
N HIS I 18 -9.41 -41.37 9.78
CA HIS I 18 -8.36 -41.78 10.68
C HIS I 18 -6.97 -41.30 10.27
N GLU I 19 -6.67 -41.43 8.98
CA GLU I 19 -5.40 -40.89 8.43
C GLU I 19 -5.29 -39.39 8.73
N TYR I 20 -6.37 -38.65 8.48
CA TYR I 20 -6.46 -37.23 8.73
C TYR I 20 -6.29 -36.91 10.24
N TRP I 21 -6.93 -37.71 11.09
CA TRP I 21 -6.70 -37.57 12.53
C TRP I 21 -5.22 -37.65 12.90
N ALA I 22 -4.51 -38.65 12.35
CA ALA I 22 -3.08 -38.81 12.61
C ALA I 22 -2.26 -37.70 11.95
N ARG I 23 -2.57 -37.35 10.69
CA ARG I 23 -1.87 -36.24 9.99
C ARG I 23 -2.02 -34.90 10.70
N LEU I 24 -3.22 -34.60 11.17
CA LEU I 24 -3.51 -33.38 11.87
C LEU I 24 -2.77 -33.31 13.18
N TRP I 25 -2.78 -34.41 13.92
CA TRP I 25 -1.96 -34.51 15.14
C TRP I 25 -0.52 -34.15 14.88
N ASN I 26 0.09 -34.76 13.87
CA ASN I 26 1.51 -34.46 13.55
C ASN I 26 1.74 -33.01 13.15
N TYR I 27 0.82 -32.41 12.41
CA TYR I 27 0.92 -30.99 12.00
C TYR I 27 0.82 -30.07 13.22
N LEU I 28 -0.17 -30.31 14.07
CA LEU I 28 -0.37 -29.54 15.25
C LEU I 28 0.79 -29.70 16.25
N TYR I 29 1.29 -30.91 16.42
CA TYR I 29 2.49 -31.14 17.23
C TYR I 29 3.69 -30.34 16.65
N ALA I 30 3.97 -30.52 15.35
CA ALA I 30 5.11 -29.84 14.70
C ALA I 30 5.08 -28.29 14.78
N VAL I 31 3.89 -27.72 14.90
CA VAL I 31 3.71 -26.30 14.75
C VAL I 31 3.57 -25.60 16.13
N ALA I 32 3.46 -26.35 17.24
CA ALA I 32 3.46 -25.78 18.63
C ALA I 32 4.79 -25.08 19.03
N THR J 2 -0.89 13.39 -23.65
CA THR J 2 -2.36 13.35 -23.44
C THR J 2 -2.80 14.45 -22.49
N GLU J 3 -3.95 15.00 -22.84
CA GLU J 3 -4.56 16.09 -22.11
C GLU J 3 -5.84 15.51 -21.45
N TYR J 4 -6.11 15.96 -20.23
CA TYR J 4 -7.30 15.56 -19.54
C TYR J 4 -8.04 16.85 -19.10
N LYS J 5 -9.32 16.91 -19.45
CA LYS J 5 -10.23 18.00 -19.04
C LYS J 5 -11.04 17.50 -17.85
N LEU J 6 -10.77 18.07 -16.69
CA LEU J 6 -11.45 17.67 -15.46
C LEU J 6 -12.31 18.83 -15.02
N VAL J 7 -13.48 18.46 -14.53
CA VAL J 7 -14.49 19.40 -14.02
C VAL J 7 -14.81 19.11 -12.56
N VAL J 8 -14.83 20.16 -11.72
CA VAL J 8 -15.21 20.05 -10.33
C VAL J 8 -16.61 20.67 -10.17
N VAL J 9 -17.53 19.87 -9.62
CA VAL J 9 -18.88 20.32 -9.28
C VAL J 9 -19.23 19.99 -7.81
N GLY J 10 -20.28 20.62 -7.31
CA GLY J 10 -20.66 20.46 -5.91
C GLY J 10 -21.36 21.69 -5.40
N ALA J 11 -22.06 21.50 -4.27
CA ALA J 11 -22.93 22.53 -3.67
C ALA J 11 -22.12 23.71 -3.20
N VAL J 12 -22.82 24.74 -2.75
CA VAL J 12 -22.17 25.97 -2.34
C VAL J 12 -21.20 25.74 -1.18
N GLY J 13 -19.95 26.19 -1.34
CA GLY J 13 -18.97 26.21 -0.26
C GLY J 13 -18.39 24.87 0.20
N VAL J 14 -18.61 23.83 -0.58
CA VAL J 14 -18.02 22.49 -0.33
C VAL J 14 -16.48 22.44 -0.45
N GLY J 15 -15.91 23.36 -1.23
CA GLY J 15 -14.47 23.48 -1.42
C GLY J 15 -13.96 23.22 -2.83
N LYS J 16 -14.80 23.45 -3.84
CA LYS J 16 -14.41 23.24 -5.25
C LYS J 16 -13.14 24.05 -5.62
N SER J 17 -13.16 25.35 -5.32
CA SER J 17 -12.03 26.23 -5.56
C SER J 17 -10.84 25.93 -4.62
N ALA J 18 -11.08 25.69 -3.33
CA ALA J 18 -9.98 25.33 -2.44
C ALA J 18 -9.26 24.02 -2.90
N LEU J 19 -9.99 23.01 -3.35
CA LEU J 19 -9.38 21.79 -3.92
C LEU J 19 -8.53 22.06 -5.18
N THR J 20 -9.08 22.85 -6.09
CA THR J 20 -8.44 23.28 -7.31
C THR J 20 -7.15 24.08 -7.06
N ILE J 21 -7.24 25.04 -6.17
CA ILE J 21 -6.11 25.86 -5.82
C ILE J 21 -5.03 25.00 -5.18
N GLN J 22 -5.41 24.05 -4.31
CA GLN J 22 -4.40 23.16 -3.70
C GLN J 22 -3.72 22.38 -4.75
N LEU J 23 -4.49 21.79 -5.64
CA LEU J 23 -3.91 20.96 -6.70
C LEU J 23 -2.86 21.74 -7.52
N ILE J 24 -3.20 22.97 -7.88
CA ILE J 24 -2.41 23.71 -8.86
C ILE J 24 -1.31 24.56 -8.23
N GLN J 25 -1.63 25.22 -7.12
CA GLN J 25 -0.73 26.16 -6.46
C GLN J 25 -0.09 25.64 -5.14
N ASN J 26 -0.53 24.47 -4.66
CA ASN J 26 0.07 23.86 -3.46
C ASN J 26 -0.07 24.71 -2.18
N HIS J 27 -1.17 25.46 -2.02
CA HIS J 27 -1.44 26.12 -0.76
C HIS J 27 -2.93 26.38 -0.50
N PHE J 28 -3.24 26.82 0.71
CA PHE J 28 -4.60 27.10 1.17
C PHE J 28 -4.62 28.49 1.81
N ASP J 38 -3.85 34.00 -12.47
CA ASP J 38 -4.56 32.85 -11.91
C ASP J 38 -4.52 31.70 -12.91
N SER J 39 -4.44 30.48 -12.40
CA SER J 39 -4.02 29.32 -13.22
C SER J 39 -4.90 28.03 -13.05
N TYR J 40 -5.19 27.33 -14.16
CA TYR J 40 -6.05 26.12 -14.16
C TYR J 40 -5.40 24.88 -14.80
N ARG J 41 -4.10 24.92 -15.07
CA ARG J 41 -3.40 23.86 -15.77
C ARG J 41 -2.22 23.32 -14.90
N LYS J 42 -1.99 22.01 -14.98
CA LYS J 42 -0.86 21.38 -14.28
C LYS J 42 -0.36 20.17 -15.03
N GLN J 43 0.97 20.06 -15.08
CA GLN J 43 1.65 18.92 -15.68
C GLN J 43 2.02 17.97 -14.55
N VAL J 44 1.66 16.71 -14.67
CA VAL J 44 1.93 15.75 -13.59
C VAL J 44 2.25 14.42 -14.20
N VAL J 45 2.81 13.51 -13.39
CA VAL J 45 2.99 12.12 -13.81
C VAL J 45 2.04 11.25 -12.99
N ILE J 46 1.36 10.29 -13.63
CA ILE J 46 0.36 9.41 -12.94
C ILE J 46 0.48 8.05 -13.56
N ASP J 47 0.70 7.07 -12.69
CA ASP J 47 1.13 5.71 -13.06
C ASP J 47 2.21 5.71 -14.13
N GLY J 48 3.20 6.57 -13.98
CA GLY J 48 4.35 6.64 -14.90
C GLY J 48 4.10 7.13 -16.33
N GLU J 49 2.96 7.80 -16.54
CA GLU J 49 2.62 8.49 -17.81
C GLU J 49 2.35 9.95 -17.44
N THR J 50 2.98 10.86 -18.16
CA THR J 50 2.82 12.31 -17.96
C THR J 50 1.46 12.70 -18.48
N CYS J 51 0.85 13.69 -17.83
CA CYS J 51 -0.48 14.21 -18.19
C CYS J 51 -0.42 15.70 -18.03
N LEU J 52 -1.22 16.39 -18.82
CA LEU J 52 -1.50 17.77 -18.60
C LEU J 52 -2.94 17.81 -18.18
N LEU J 53 -3.23 18.49 -17.08
CA LEU J 53 -4.58 18.56 -16.56
C LEU J 53 -5.08 20.00 -16.66
N ASP J 54 -6.24 20.17 -17.25
CA ASP J 54 -7.00 21.43 -17.27
C ASP J 54 -8.20 21.27 -16.34
N ILE J 55 -8.40 22.23 -15.47
CA ILE J 55 -9.43 22.10 -14.44
C ILE J 55 -10.54 23.16 -14.64
N LEU J 56 -11.77 22.72 -14.86
CA LEU J 56 -12.93 23.66 -14.79
C LEU J 56 -13.49 23.67 -13.37
N ASP J 57 -13.23 24.76 -12.64
CA ASP J 57 -13.76 24.94 -11.30
C ASP J 57 -15.13 25.66 -11.40
N THR J 58 -16.21 24.88 -11.46
CA THR J 58 -17.53 25.44 -11.74
C THR J 58 -17.91 26.45 -10.67
N ALA J 59 -18.17 27.68 -11.13
CA ALA J 59 -18.51 28.86 -10.32
C ALA J 59 -19.96 29.31 -10.57
N GLY J 60 -20.64 29.72 -9.51
CA GLY J 60 -22.00 30.24 -9.56
C GLY J 60 -23.00 29.13 -9.39
N GLN J 61 -24.18 29.46 -8.85
CA GLN J 61 -25.22 28.44 -8.63
C GLN J 61 -25.56 27.83 -9.98
N GLU J 62 -26.26 26.72 -9.97
CA GLU J 62 -26.74 26.14 -11.21
C GLU J 62 -27.74 27.10 -11.91
N GLU J 63 -27.76 27.06 -13.22
CA GLU J 63 -28.79 27.72 -14.00
C GLU J 63 -28.91 26.97 -15.33
N TYR J 64 -29.88 27.33 -16.17
CA TYR J 64 -29.90 26.86 -17.54
C TYR J 64 -28.94 27.69 -18.43
N SER J 65 -28.19 27.03 -19.31
CA SER J 65 -27.17 27.65 -20.19
C SER J 65 -26.60 26.61 -21.11
N ALA J 66 -26.95 26.72 -22.40
CA ALA J 66 -26.33 25.91 -23.43
C ALA J 66 -24.78 26.12 -23.54
N MET J 67 -24.29 27.31 -23.24
CA MET J 67 -22.85 27.57 -23.31
C MET J 67 -22.19 26.81 -22.18
N ARG J 68 -22.81 26.81 -21.00
CA ARG J 68 -22.32 25.98 -19.90
C ARG J 68 -22.33 24.49 -20.25
N ASP J 69 -23.44 23.98 -20.80
CA ASP J 69 -23.49 22.59 -21.23
C ASP J 69 -22.32 22.25 -22.15
N GLN J 70 -22.00 23.19 -23.05
CA GLN J 70 -20.87 23.03 -23.95
C GLN J 70 -19.54 22.94 -23.16
N TYR J 71 -19.30 23.87 -22.23
CA TYR J 71 -18.10 23.86 -21.36
C TYR J 71 -17.96 22.56 -20.57
N MET J 72 -19.10 22.12 -20.04
CA MET J 72 -19.19 20.89 -19.23
C MET J 72 -18.90 19.66 -20.06
N ARG J 73 -19.53 19.61 -21.24
CA ARG J 73 -19.38 18.49 -22.16
C ARG J 73 -17.94 18.30 -22.68
N THR J 74 -17.14 19.38 -22.70
CA THR J 74 -15.69 19.30 -23.00
C THR J 74 -14.94 18.53 -21.88
N GLY J 75 -15.47 18.52 -20.66
CA GLY J 75 -14.93 17.70 -19.58
C GLY J 75 -15.04 16.22 -19.84
N GLU J 76 -13.94 15.51 -19.57
CA GLU J 76 -13.90 14.05 -19.74
C GLU J 76 -14.06 13.28 -18.42
N GLY J 77 -13.84 13.97 -17.31
CA GLY J 77 -14.10 13.45 -15.96
C GLY J 77 -14.61 14.54 -15.04
N PHE J 78 -15.34 14.13 -14.00
CA PHE J 78 -15.97 15.05 -13.05
C PHE J 78 -15.73 14.59 -11.63
N LEU J 79 -15.34 15.52 -10.77
CA LEU J 79 -15.31 15.30 -9.34
C LEU J 79 -16.63 15.85 -8.80
N CYS J 80 -17.45 14.98 -8.24
CA CYS J 80 -18.66 15.39 -7.51
C CYS J 80 -18.30 15.54 -6.05
N VAL J 81 -18.20 16.79 -5.60
CA VAL J 81 -17.68 17.16 -4.28
C VAL J 81 -18.84 17.49 -3.34
N PHE J 82 -18.80 16.91 -2.15
CA PHE J 82 -19.58 17.36 -0.98
C PHE J 82 -18.61 17.71 0.15
N ALA J 83 -19.16 18.32 1.19
CA ALA J 83 -18.39 18.60 2.41
C ALA J 83 -18.94 17.67 3.44
N ILE J 84 -18.06 17.01 4.17
CA ILE J 84 -18.47 16.03 5.20
C ILE J 84 -19.24 16.59 6.40
N ASN J 85 -19.31 17.92 6.54
CA ASN J 85 -20.07 18.56 7.62
C ASN J 85 -21.34 19.21 7.08
N ASN J 86 -21.77 18.80 5.90
CA ASN J 86 -22.91 19.42 5.23
C ASN J 86 -23.72 18.33 4.51
N THR J 87 -24.75 17.84 5.21
CA THR J 87 -25.63 16.75 4.74
C THR J 87 -26.36 17.14 3.46
N LYS J 88 -26.80 18.39 3.39
CA LYS J 88 -27.44 18.89 2.15
C LYS J 88 -26.52 18.61 0.93
N SER J 89 -25.23 18.98 1.07
CA SER J 89 -24.28 18.87 -0.05
C SER J 89 -24.14 17.45 -0.50
N PHE J 90 -24.11 16.51 0.45
CA PHE J 90 -24.07 15.07 0.15
C PHE J 90 -25.36 14.59 -0.47
N GLU J 91 -26.48 15.08 0.04
CA GLU J 91 -27.80 14.73 -0.57
C GLU J 91 -27.96 15.26 -1.98
N ASP J 92 -27.30 16.37 -2.30
CA ASP J 92 -27.35 16.94 -3.66
C ASP J 92 -26.53 16.16 -4.67
N ILE J 93 -25.70 15.20 -4.25
CA ILE J 93 -24.77 14.52 -5.16
C ILE J 93 -25.50 13.88 -6.34
N HIS J 94 -26.58 13.16 -6.04
CA HIS J 94 -27.35 12.47 -7.08
C HIS J 94 -27.73 13.45 -8.21
N GLN J 95 -28.09 14.67 -7.83
CA GLN J 95 -28.52 15.72 -8.75
C GLN J 95 -27.35 16.18 -9.70
N TYR J 96 -26.17 16.39 -9.15
CA TYR J 96 -24.99 16.68 -10.00
C TYR J 96 -24.69 15.53 -10.96
N ARG J 97 -24.79 14.31 -10.48
CA ARG J 97 -24.59 13.13 -11.33
C ARG J 97 -25.57 13.03 -12.51
N GLU J 98 -26.86 13.29 -12.25
CA GLU J 98 -27.91 13.44 -13.30
C GLU J 98 -27.50 14.50 -14.32
N GLN J 99 -27.08 15.66 -13.82
CA GLN J 99 -26.72 16.73 -14.74
C GLN J 99 -25.53 16.39 -15.64
N ILE J 100 -24.56 15.66 -15.11
CA ILE J 100 -23.40 15.19 -15.88
C ILE J 100 -23.83 14.21 -16.99
N LYS J 101 -24.64 13.23 -16.60
CA LYS J 101 -25.21 12.26 -17.53
C LYS J 101 -26.01 12.89 -18.71
N ARG J 102 -26.79 13.93 -18.43
CA ARG J 102 -27.58 14.63 -19.45
C ARG J 102 -26.64 15.39 -20.40
N VAL J 103 -25.78 16.22 -19.83
CA VAL J 103 -24.75 16.95 -20.57
C VAL J 103 -23.86 16.06 -21.42
N LYS J 104 -23.36 14.97 -20.85
CA LYS J 104 -22.54 13.99 -21.57
C LYS J 104 -23.30 13.01 -22.46
N ASP J 105 -24.60 12.87 -22.24
CA ASP J 105 -25.48 11.94 -23.02
C ASP J 105 -25.06 10.48 -22.93
N SER J 106 -24.65 10.07 -21.74
CA SER J 106 -24.17 8.74 -21.50
C SER J 106 -24.37 8.44 -20.03
N ASP J 107 -24.65 7.19 -19.71
CA ASP J 107 -24.68 6.71 -18.32
C ASP J 107 -23.23 6.38 -17.84
N ASP J 108 -22.30 6.21 -18.80
CA ASP J 108 -20.89 5.82 -18.55
C ASP J 108 -19.92 7.04 -18.65
N VAL J 109 -19.74 7.77 -17.56
CA VAL J 109 -18.95 9.03 -17.53
C VAL J 109 -17.95 8.90 -16.39
N PRO J 110 -16.66 9.02 -16.69
CA PRO J 110 -15.67 8.94 -15.64
C PRO J 110 -15.94 9.93 -14.54
N MET J 111 -15.97 9.44 -13.29
CA MET J 111 -16.44 10.23 -12.16
C MET J 111 -15.82 9.77 -10.86
N VAL J 112 -15.60 10.67 -9.94
CA VAL J 112 -15.15 10.32 -8.60
C VAL J 112 -15.94 11.09 -7.55
N LEU J 113 -16.36 10.43 -6.47
CA LEU J 113 -17.04 11.09 -5.32
C LEU J 113 -15.99 11.59 -4.32
N VAL J 114 -16.03 12.89 -4.02
CA VAL J 114 -15.05 13.53 -3.12
C VAL J 114 -15.78 14.10 -1.91
N GLY J 115 -15.38 13.60 -0.75
CA GLY J 115 -15.81 14.13 0.52
C GLY J 115 -14.72 15.02 1.10
N ASN J 116 -14.96 16.33 1.11
CA ASN J 116 -13.99 17.32 1.50
C ASN J 116 -14.23 17.80 2.93
N LYS J 117 -13.21 18.47 3.47
CA LYS J 117 -13.21 19.11 4.77
C LYS J 117 -13.05 18.07 5.90
N CYS J 118 -12.31 17.01 5.61
CA CYS J 118 -12.10 15.88 6.57
C CYS J 118 -11.26 16.22 7.80
N ASP J 119 -10.52 17.34 7.74
CA ASP J 119 -9.86 17.93 8.91
C ASP J 119 -10.86 18.36 10.01
N LEU J 120 -12.11 18.66 9.63
CA LEU J 120 -13.06 19.18 10.57
C LEU J 120 -13.63 18.12 11.54
N PRO J 121 -13.70 18.45 12.85
CA PRO J 121 -14.22 17.49 13.86
C PRO J 121 -15.77 17.47 14.05
N SER J 122 -16.54 17.91 13.05
CA SER J 122 -18.02 17.93 13.14
C SER J 122 -18.64 17.16 11.96
N ARG J 123 -18.10 15.97 11.71
CA ARG J 123 -18.58 15.07 10.64
C ARG J 123 -20.07 14.76 10.82
N THR J 124 -20.87 15.04 9.78
CA THR J 124 -22.28 14.62 9.74
C THR J 124 -22.55 13.58 8.68
N VAL J 125 -21.56 13.29 7.84
CA VAL J 125 -21.67 12.27 6.81
C VAL J 125 -20.45 11.39 6.96
N GLU J 126 -20.64 10.16 7.41
CA GLU J 126 -19.53 9.30 7.75
C GLU J 126 -19.01 8.58 6.50
N SER J 127 -17.81 8.03 6.64
CA SER J 127 -17.07 7.36 5.56
C SER J 127 -17.87 6.20 4.93
N ARG J 128 -18.60 5.48 5.76
CA ARG J 128 -19.44 4.35 5.32
C ARG J 128 -20.65 4.78 4.45
N GLN J 129 -21.37 5.82 4.87
CA GLN J 129 -22.43 6.39 4.00
C GLN J 129 -21.94 6.78 2.58
N ALA J 130 -20.76 7.38 2.52
CA ALA J 130 -20.19 7.86 1.25
C ALA J 130 -19.69 6.70 0.41
N GLN J 131 -19.07 5.71 1.06
CA GLN J 131 -18.64 4.48 0.40
C GLN J 131 -19.81 3.74 -0.25
N ASP J 132 -20.93 3.70 0.47
CA ASP J 132 -22.15 3.07 -0.02
C ASP J 132 -22.71 3.78 -1.23
N LEU J 133 -22.76 5.11 -1.18
CA LEU J 133 -23.27 5.86 -2.33
C LEU J 133 -22.34 5.66 -3.53
N ALA J 134 -21.03 5.79 -3.31
CA ALA J 134 -20.07 5.61 -4.42
C ALA J 134 -20.25 4.24 -5.07
N ARG J 135 -20.28 3.19 -4.23
CA ARG J 135 -20.64 1.82 -4.69
C ARG J 135 -21.94 1.76 -5.57
N SER J 136 -23.03 2.42 -5.15
CA SER J 136 -24.27 2.45 -5.94
C SER J 136 -24.07 3.05 -7.35
N TYR J 137 -23.08 3.95 -7.47
CA TYR J 137 -22.74 4.58 -8.74
C TYR J 137 -21.63 3.85 -9.51
N GLY J 138 -20.92 2.92 -8.85
CA GLY J 138 -19.80 2.20 -9.46
C GLY J 138 -18.59 3.09 -9.64
N ILE J 139 -18.41 4.06 -8.73
CA ILE J 139 -17.30 5.02 -8.81
C ILE J 139 -16.46 4.99 -7.50
N PRO J 140 -15.20 5.49 -7.53
CA PRO J 140 -14.46 5.58 -6.28
C PRO J 140 -14.91 6.72 -5.40
N TYR J 141 -14.56 6.58 -4.12
CA TYR J 141 -14.77 7.57 -3.10
C TYR J 141 -13.43 7.95 -2.52
N ILE J 142 -13.13 9.24 -2.50
CA ILE J 142 -11.90 9.76 -1.88
C ILE J 142 -12.24 10.87 -0.92
N GLU J 143 -11.65 10.77 0.29
CA GLU J 143 -11.75 11.79 1.36
C GLU J 143 -10.66 12.80 1.16
N THR J 144 -10.98 14.10 1.29
CA THR J 144 -9.98 15.17 1.13
C THR J 144 -10.03 16.20 2.22
N SER J 145 -8.98 17.00 2.31
CA SER J 145 -9.00 18.28 2.98
C SER J 145 -8.16 19.20 2.13
N ALA J 146 -8.81 20.20 1.50
CA ALA J 146 -8.11 21.28 0.86
C ALA J 146 -7.23 21.99 1.89
N LYS J 147 -7.68 22.06 3.15
CA LYS J 147 -6.90 22.74 4.19
C LYS J 147 -5.55 22.06 4.50
N THR J 148 -5.52 20.75 4.77
CA THR J 148 -4.25 20.02 5.08
C THR J 148 -3.54 19.43 3.87
N ARG J 149 -4.30 19.31 2.78
CA ARG J 149 -3.90 18.75 1.49
C ARG J 149 -4.12 17.24 1.43
N GLN J 150 -4.59 16.65 2.54
CA GLN J 150 -5.06 15.25 2.58
C GLN J 150 -5.88 14.89 1.32
N GLY J 151 -5.40 13.89 0.58
CA GLY J 151 -6.14 13.29 -0.51
C GLY J 151 -6.44 14.15 -1.74
N VAL J 152 -5.88 15.37 -1.83
CA VAL J 152 -6.21 16.28 -2.94
C VAL J 152 -5.73 15.70 -4.25
N GLU J 153 -4.46 15.37 -4.32
CA GLU J 153 -3.96 14.78 -5.51
C GLU J 153 -4.50 13.40 -5.83
N ASP J 154 -4.72 12.58 -4.80
CA ASP J 154 -5.44 11.33 -4.93
C ASP J 154 -6.82 11.53 -5.64
N ALA J 155 -7.61 12.52 -5.22
CA ALA J 155 -8.90 12.75 -5.87
C ALA J 155 -8.81 12.97 -7.40
N PHE J 156 -8.01 13.95 -7.79
CA PHE J 156 -7.83 14.27 -9.20
C PHE J 156 -7.17 13.16 -9.99
N TYR J 157 -6.10 12.53 -9.43
CA TYR J 157 -5.35 11.50 -10.12
C TYR J 157 -6.18 10.23 -10.23
N THR J 158 -7.01 9.92 -9.25
CA THR J 158 -7.93 8.81 -9.41
C THR J 158 -8.94 9.05 -10.56
N LEU J 159 -9.39 10.28 -10.71
CA LEU J 159 -10.26 10.59 -11.83
C LEU J 159 -9.55 10.34 -13.13
N VAL J 160 -8.28 10.76 -13.23
CA VAL J 160 -7.51 10.50 -14.44
C VAL J 160 -7.51 9.00 -14.71
N ARG J 161 -7.19 8.21 -13.68
CA ARG J 161 -7.25 6.75 -13.76
C ARG J 161 -8.60 6.25 -14.27
N GLU J 162 -9.69 6.84 -13.79
CA GLU J 162 -11.03 6.51 -14.29
C GLU J 162 -11.21 6.84 -15.75
N ILE J 163 -10.67 7.97 -16.20
CA ILE J 163 -10.70 8.34 -17.64
C ILE J 163 -9.91 7.37 -18.52
N ARG J 164 -8.75 6.94 -18.05
CA ARG J 164 -7.95 5.95 -18.77
C ARG J 164 -8.58 4.53 -18.89
N LYS J 165 -9.48 4.19 -17.96
CA LYS J 165 -10.27 2.95 -18.05
C LYS J 165 -11.52 3.03 -18.93
N HIS J 166 -11.79 4.16 -19.56
CA HIS J 166 -12.94 4.26 -20.48
C HIS J 166 -12.64 3.37 -21.69
N ARG K 4 -12.14 38.71 -18.44
CA ARG K 4 -11.07 38.68 -17.41
C ARG K 4 -9.66 38.36 -17.98
N PRO K 5 -9.46 37.17 -18.62
CA PRO K 5 -8.08 36.81 -18.99
C PRO K 5 -7.54 37.59 -20.18
N ARG K 6 -6.36 38.15 -19.98
CA ARG K 6 -5.64 38.88 -21.04
C ARG K 6 -5.41 37.97 -22.25
N CYS K 7 -5.61 38.52 -23.43
CA CYS K 7 -5.22 37.86 -24.67
C CYS K 7 -3.77 37.30 -24.59
N PRO K 8 -3.53 36.10 -25.17
CA PRO K 8 -2.24 35.42 -25.19
C PRO K 8 -1.03 36.21 -25.70
N GLY K 9 -1.21 36.94 -26.80
CA GLY K 9 -0.09 37.63 -27.48
C GLY K 9 0.31 36.85 -28.70
N ASP K 10 0.62 37.56 -29.78
CA ASP K 10 1.20 36.97 -31.02
C ASP K 10 2.45 36.10 -30.75
N ASP K 11 3.20 36.46 -29.71
CA ASP K 11 4.31 35.68 -29.14
C ASP K 11 4.01 34.20 -28.81
N ALA K 12 2.75 33.90 -28.46
CA ALA K 12 2.46 32.81 -27.53
C ALA K 12 2.86 31.43 -28.03
N SER K 13 3.53 30.66 -27.16
CA SER K 13 3.77 29.25 -27.42
C SER K 13 2.44 28.49 -27.35
N ILE K 14 2.44 27.28 -27.89
CA ILE K 14 1.30 26.39 -27.78
C ILE K 14 0.92 26.19 -26.34
N GLU K 15 1.92 26.08 -25.48
CA GLU K 15 1.69 25.91 -24.07
C GLU K 15 1.08 27.18 -23.46
N ASP K 16 1.50 28.36 -23.90
CA ASP K 16 0.89 29.63 -23.46
C ASP K 16 -0.60 29.70 -23.86
N LEU K 17 -0.91 29.17 -25.05
CA LEU K 17 -2.30 29.12 -25.51
C LEU K 17 -3.14 28.12 -24.65
N HIS K 18 -2.57 26.98 -24.30
CA HIS K 18 -3.22 26.02 -23.41
C HIS K 18 -3.54 26.61 -22.07
N GLU K 19 -2.55 27.28 -21.48
CA GLU K 19 -2.73 27.92 -20.21
C GLU K 19 -3.89 28.94 -20.29
N TYR K 20 -3.82 29.80 -21.30
CA TYR K 20 -4.84 30.84 -21.49
C TYR K 20 -6.20 30.18 -21.65
N TRP K 21 -6.26 29.15 -22.49
CA TRP K 21 -7.52 28.47 -22.78
C TRP K 21 -8.24 27.95 -21.53
N ALA K 22 -7.48 27.33 -20.64
CA ALA K 22 -8.04 26.85 -19.39
C ALA K 22 -8.62 27.99 -18.55
N ARG K 23 -7.96 29.13 -18.54
CA ARG K 23 -8.51 30.33 -17.88
C ARG K 23 -9.81 30.81 -18.59
N LEU K 24 -9.86 30.72 -19.92
CA LEU K 24 -11.07 31.13 -20.65
C LEU K 24 -12.28 30.23 -20.38
N TRP K 25 -12.07 28.92 -20.47
CA TRP K 25 -13.01 27.91 -20.00
C TRP K 25 -13.69 28.28 -18.68
N ASN K 26 -12.91 28.57 -17.67
CA ASN K 26 -13.41 28.96 -16.35
C ASN K 26 -14.16 30.31 -16.31
N TYR K 27 -13.55 31.34 -16.91
CA TYR K 27 -14.19 32.65 -17.05
C TYR K 27 -15.54 32.54 -17.72
N LEU K 28 -15.59 31.92 -18.89
CA LEU K 28 -16.85 31.84 -19.64
C LEU K 28 -17.93 31.08 -18.87
N TYR K 29 -17.53 30.02 -18.17
CA TYR K 29 -18.47 29.30 -17.37
C TYR K 29 -18.99 30.25 -16.31
N ALA K 30 -18.09 31.04 -15.74
CA ALA K 30 -18.46 31.83 -14.59
C ALA K 30 -19.46 32.93 -14.88
N VAL K 31 -19.49 33.46 -16.10
CA VAL K 31 -20.32 34.63 -16.43
C VAL K 31 -21.59 34.32 -17.20
N ALA K 32 -21.91 33.05 -17.40
CA ALA K 32 -23.14 32.68 -18.10
C ALA K 32 -24.43 33.20 -17.43
N PRO L 2 -5.71 23.76 -39.94
CA PRO L 2 -4.87 24.27 -38.85
C PRO L 2 -4.59 25.75 -39.04
N ARG L 3 -5.34 26.61 -38.36
CA ARG L 3 -5.22 28.06 -38.53
C ARG L 3 -5.39 28.72 -37.16
N ARG L 4 -4.37 29.45 -36.70
CA ARG L 4 -4.39 30.01 -35.34
C ARG L 4 -5.41 31.16 -35.26
N PRO L 5 -6.40 31.05 -34.34
CA PRO L 5 -7.38 32.13 -34.22
C PRO L 5 -6.85 33.38 -33.53
N ARG L 6 -7.44 34.53 -33.84
CA ARG L 6 -7.04 35.80 -33.23
C ARG L 6 -7.95 35.99 -32.01
N CYS L 7 -7.36 36.41 -30.89
CA CYS L 7 -8.07 36.71 -29.64
C CYS L 7 -8.83 38.03 -29.83
N PRO L 8 -10.18 38.07 -29.59
CA PRO L 8 -10.89 39.36 -29.73
C PRO L 8 -10.44 40.39 -28.69
N GLY L 9 -10.64 41.65 -29.01
CA GLY L 9 -10.23 42.76 -28.16
C GLY L 9 -11.12 43.04 -26.94
N ASP L 10 -10.90 44.24 -26.38
CA ASP L 10 -11.61 44.74 -25.19
C ASP L 10 -13.12 44.79 -25.49
N ASP L 11 -13.46 45.38 -26.64
CA ASP L 11 -14.82 45.49 -27.19
C ASP L 11 -15.71 44.21 -27.21
N ALA L 12 -15.09 43.04 -27.14
CA ALA L 12 -15.74 41.82 -27.60
C ALA L 12 -16.87 41.29 -26.70
N SER L 13 -17.88 40.70 -27.34
CA SER L 13 -19.01 40.05 -26.63
C SER L 13 -18.53 38.74 -26.00
N ILE L 14 -19.27 38.26 -25.01
CA ILE L 14 -19.06 36.91 -24.49
C ILE L 14 -19.23 35.87 -25.59
N GLU L 15 -20.16 36.09 -26.52
CA GLU L 15 -20.28 35.15 -27.64
C GLU L 15 -19.02 35.17 -28.55
N ASP L 16 -18.39 36.34 -28.70
CA ASP L 16 -17.12 36.42 -29.44
C ASP L 16 -16.03 35.68 -28.66
N LEU L 17 -15.93 35.90 -27.34
CA LEU L 17 -15.05 35.08 -26.50
C LEU L 17 -15.33 33.59 -26.61
N HIS L 18 -16.59 33.20 -26.59
CA HIS L 18 -16.94 31.81 -26.73
C HIS L 18 -16.48 31.18 -28.06
N GLU L 19 -16.76 31.88 -29.13
CA GLU L 19 -16.25 31.49 -30.46
C GLU L 19 -14.74 31.24 -30.43
N TYR L 20 -14.00 32.16 -29.82
CA TYR L 20 -12.56 32.05 -29.70
C TYR L 20 -12.22 30.83 -28.81
N TRP L 21 -12.85 30.71 -27.66
CA TRP L 21 -12.76 29.47 -26.88
C TRP L 21 -12.86 28.19 -27.72
N ALA L 22 -13.91 28.04 -28.54
CA ALA L 22 -14.10 26.86 -29.40
C ALA L 22 -13.04 26.71 -30.51
N ARG L 23 -12.71 27.83 -31.17
CA ARG L 23 -11.73 27.80 -32.27
C ARG L 23 -10.32 27.48 -31.68
N LEU L 24 -9.96 28.09 -30.56
CA LEU L 24 -8.68 27.80 -29.91
C LEU L 24 -8.56 26.32 -29.51
N TRP L 25 -9.65 25.72 -28.99
CA TRP L 25 -9.71 24.28 -28.77
C TRP L 25 -9.56 23.46 -30.05
N ASN L 26 -10.27 23.80 -31.13
CA ASN L 26 -10.08 23.09 -32.41
C ASN L 26 -8.60 23.21 -32.89
N TYR L 27 -7.99 24.38 -32.76
CA TYR L 27 -6.57 24.58 -33.12
C TYR L 27 -5.60 23.74 -32.27
N LEU L 28 -5.67 23.89 -30.94
CA LEU L 28 -4.83 23.13 -30.04
C LEU L 28 -5.04 21.62 -30.18
N TYR L 29 -6.26 21.20 -30.56
CA TYR L 29 -6.52 19.80 -30.87
C TYR L 29 -5.78 19.41 -32.14
N ALA L 30 -5.91 20.23 -33.20
CA ALA L 30 -5.35 19.91 -34.50
C ALA L 30 -3.80 19.76 -34.49
N VAL L 31 -3.12 20.66 -33.77
CA VAL L 31 -1.64 20.74 -33.72
C VAL L 31 -0.93 19.80 -32.73
N ALA L 32 -1.63 19.24 -31.73
CA ALA L 32 -1.05 18.20 -30.87
C ALA L 32 -1.51 16.81 -31.33
PG GNP M . -3.86 8.27 12.64
O1G GNP M . -2.28 8.52 12.59
O2G GNP M . -4.22 7.35 13.92
O3G GNP M . -4.55 9.56 12.53
N3B GNP M . -4.22 7.55 11.12
PB GNP M . -3.57 6.05 10.67
O1B GNP M . -2.10 6.05 10.57
O2B GNP M . -4.21 5.06 11.76
O3A GNP M . -4.17 5.85 9.16
PA GNP M . -5.64 5.28 8.89
O1A GNP M . -5.50 3.80 8.91
O2A GNP M . -6.59 5.90 9.85
O5' GNP M . -5.89 5.82 7.42
C5' GNP M . -5.90 7.19 7.09
C4' GNP M . -6.48 7.40 5.69
O4' GNP M . -5.68 6.77 4.69
C3' GNP M . -7.84 6.75 5.60
O3' GNP M . -8.62 7.46 4.66
C2' GNP M . -7.55 5.35 5.10
O2' GNP M . -8.66 4.82 4.40
C1' GNP M . -6.40 5.65 4.15
N9 GNP M . -5.50 4.49 3.92
C8 GNP M . -4.85 3.75 4.83
N7 GNP M . -4.11 2.81 4.20
C5 GNP M . -4.28 2.94 2.87
C6 GNP M . -3.81 2.27 1.61
O6 GNP M . -3.02 1.31 1.66
N1 GNP M . -4.25 2.74 0.43
C2 GNP M . -5.12 3.78 0.35
N2 GNP M . -5.54 4.20 -0.86
N3 GNP M . -5.59 4.43 1.43
C4 GNP M . -5.21 4.06 2.69
MG MG N . -5.25 5.24 13.67
CA CA O . -2.64 13.83 26.05
CA CA P . 0.88 13.79 28.19
CA CA Q . -13.84 -10.12 8.33
PG GNP R . 32.75 28.71 -32.17
O1G GNP R . 33.21 27.61 -33.22
O2G GNP R . 31.74 28.13 -31.04
O3G GNP R . 33.94 29.37 -31.61
N3B GNP R . 31.86 29.96 -32.98
PB GNP R . 30.33 29.62 -33.67
O1B GNP R . 30.42 28.59 -34.80
O2B GNP R . 29.37 29.15 -32.47
O3A GNP R . 29.88 31.08 -34.23
PA GNP R . 29.49 32.36 -33.33
O1A GNP R . 30.44 32.28 -32.15
O2A GNP R . 27.99 32.25 -33.16
O5' GNP R . 29.79 33.61 -34.30
C5' GNP R . 31.13 33.94 -34.72
C4' GNP R . 31.27 35.35 -35.26
O4' GNP R . 30.59 35.42 -36.53
C3' GNP R . 30.63 36.37 -34.33
O3' GNP R . 31.24 37.66 -34.50
C2' GNP R . 29.24 36.52 -34.88
O2' GNP R . 28.71 37.78 -34.59
C1' GNP R . 29.47 36.31 -36.37
N9 GNP R . 28.31 35.76 -37.08
C8 GNP R . 27.68 34.61 -36.80
N7 GNP R . 26.67 34.41 -37.68
C5 GNP R . 26.67 35.46 -38.54
C6 GNP R . 25.89 35.90 -39.72
O6 GNP R . 24.96 35.23 -40.20
N1 GNP R . 26.23 37.05 -40.32
C2 GNP R . 27.27 37.81 -39.89
N2 GNP R . 27.59 38.96 -40.56
N3 GNP R . 28.02 37.44 -38.82
C4 GNP R . 27.77 36.32 -38.14
MG MG S . 29.75 28.60 -30.33
CA CA T . 39.01 17.63 -23.78
PG GNP U . -22.19 -44.99 28.56
O1G GNP U . -21.25 -46.06 29.20
O2G GNP U . -21.53 -43.94 27.53
O3G GNP U . -23.44 -45.63 28.02
N3B GNP U . -22.73 -44.03 29.88
PB GNP U . -21.69 -42.90 30.69
O1B GNP U . -20.64 -43.69 31.44
O2B GNP U . -21.09 -41.82 29.64
O3A GNP U . -22.70 -42.27 31.78
PA GNP U . -23.79 -41.17 31.40
O1A GNP U . -24.36 -41.60 30.07
O2A GNP U . -23.11 -39.79 31.50
O5' GNP U . -24.79 -41.31 32.65
C5' GNP U . -25.67 -42.43 32.87
C4' GNP U . -26.76 -42.06 33.89
O4' GNP U . -26.25 -41.76 35.21
C3' GNP U . -27.57 -40.84 33.45
O3' GNP U . -28.92 -41.00 33.86
C2' GNP U . -26.90 -39.71 34.20
O2' GNP U . -27.76 -38.60 34.36
C1' GNP U . -26.58 -40.40 35.51
N9 GNP U . -25.43 -39.79 36.21
C8 GNP U . -24.21 -39.55 35.73
N7 GNP U . -23.43 -39.03 36.70
C5 GNP U . -24.17 -38.91 37.83
C6 GNP U . -23.97 -38.44 39.22
O6 GNP U . -22.86 -37.99 39.62
N1 GNP U . -25.02 -38.55 40.05
C2 GNP U . -26.21 -39.06 39.66
N2 GNP U . -27.23 -39.14 40.53
N3 GNP U . -26.46 -39.49 38.41
C4 GNP U . -25.48 -39.45 37.49
MG MG V . -21.24 -41.86 27.37
MG MG W . -16.95 -52.36 16.27
CA CA X . -13.37 -53.98 16.22
PG GNP Y . -18.71 28.39 -4.19
O1G GNP Y . -17.88 28.53 -5.56
O2G GNP Y . -19.16 29.67 -3.54
O3G GNP Y . -19.84 27.30 -4.33
N3B GNP Y . -17.63 27.86 -2.94
PB GNP Y . -16.49 26.59 -3.25
O1B GNP Y . -17.22 25.31 -3.50
O2B GNP Y . -15.57 27.05 -4.50
O3A GNP Y . -15.73 26.42 -1.83
PA GNP Y . -14.52 27.39 -1.46
O1A GNP Y . -13.26 26.78 -2.00
O2A GNP Y . -14.97 28.77 -1.89
O5' GNP Y . -14.42 27.30 0.13
C5' GNP Y . -15.52 27.71 0.91
C4' GNP Y . -15.10 27.81 2.35
O4' GNP Y . -14.77 26.50 2.83
C3' GNP Y . -13.89 28.70 2.53
O3' GNP Y . -14.09 29.43 3.76
C2' GNP Y . -12.76 27.71 2.66
O2' GNP Y . -11.70 28.14 3.49
C1' GNP Y . -13.43 26.53 3.36
N9 GNP Y . -12.80 25.23 3.03
C8 GNP Y . -12.66 24.74 1.79
N7 GNP Y . -12.09 23.53 1.82
C5 GNP Y . -11.86 23.23 3.09
C6 GNP Y . -11.26 22.10 3.82
O6 GNP Y . -10.86 21.09 3.22
N1 GNP Y . -11.22 22.17 5.15
C2 GNP Y . -11.69 23.26 5.86
N2 GNP Y . -11.61 23.30 7.22
N3 GNP Y . -12.24 24.33 5.25
C4 GNP Y . -12.34 24.37 3.90
MG MG Z . -15.62 28.53 -5.95
CA CA AA . -26.99 33.51 -15.90
CA CA BA . -28.78 31.24 -18.54
CA CA CA . -19.23 36.78 -33.10
#